data_7CVQ
#
_entry.id   7CVQ
#
_cell.length_a   103.244
_cell.length_b   65.273
_cell.length_c   138.284
_cell.angle_alpha   90.000
_cell.angle_beta   91.170
_cell.angle_gamma   90.000
#
_symmetry.space_group_name_H-M   'P 1 21 1'
#
loop_
_entity.id
_entity.type
_entity.pdbx_description
1 polymer 'Chimera of Nuclear transcription factor Y subunit C-3 and Zinc finger protein CONSTANS'
2 polymer 'Nuclear transcription factor Y subunit B-2'
3 polymer 'FT CORE1 DNA forward strand'
4 polymer 'FT CORE1 DNA reverse strand'
#
loop_
_entity_poly.entity_id
_entity_poly.type
_entity_poly.pdbx_seq_one_letter_code
_entity_poly.pdbx_strand_id
1 'polypeptide(L)'
;TQFKEIEKTTDFKNHSLPLARIKKIMKADEDVRMISAEAPVVFARACEMFILELTLRSWNHTEENKRRTLQKNDIAAAVT
RTDIFDFLVDIVPRGSGSGSGSGSGSDPASQMITVTQLSPMDREARVLRYREKRKTRKFEKTIRYASRKAYAEIRPRVNG
RFAKREIEAEEQGF
;
A,F,K,P
2 'polypeptide(L)'
;SPREQDRFLPIANVSRIMKKALPANAKISKDAKETMQECVSEFISFVTGEASDKCQKEKRKTINGDDLLWAMTTLGFEDY
VEPLKVYLQRFREIEGE
;
B,G,L,Q
3 'polydeoxyribonucleotide'
;(DC)(DG)(DA)(DC)(DA)(DA)(DT)(DG)(DT)(DG)(DT)(DG)(DA)(DT)(DG)(DT)(DA)(DC)(DG)(DT)
(DA)(DG)(DA)(DA)(DT)
;
D,I,N,T
4 'polydeoxyribonucleotide'
;(DG)(DA)(DT)(DT)(DC)(DT)(DA)(DC)(DG)(DT)(DA)(DC)(DA)(DT)(DC)(DA)(DC)(DA)(DC)(DA)
(DT)(DT)(DG)(DT)(DC)
;
E,J,O,U
#
loop_
_chem_comp.id
_chem_comp.type
_chem_comp.name
_chem_comp.formula
DA DNA linking 2'-DEOXYADENOSINE-5'-MONOPHOSPHATE 'C10 H14 N5 O6 P'
DC DNA linking 2'-DEOXYCYTIDINE-5'-MONOPHOSPHATE 'C9 H14 N3 O7 P'
DG DNA linking 2'-DEOXYGUANOSINE-5'-MONOPHOSPHATE 'C10 H14 N5 O7 P'
DT DNA linking THYMIDINE-5'-MONOPHOSPHATE 'C10 H15 N2 O8 P'
#
# COMPACT_ATOMS: atom_id res chain seq x y z
N PHE A 12 19.00 -17.24 -8.26
CA PHE A 12 19.64 -18.39 -7.65
C PHE A 12 18.88 -18.82 -6.40
N LYS A 13 18.71 -17.89 -5.45
CA LYS A 13 17.92 -18.12 -4.25
C LYS A 13 16.93 -16.99 -4.01
N ASN A 14 16.44 -16.37 -5.09
CA ASN A 14 15.27 -15.51 -5.04
C ASN A 14 14.08 -16.36 -5.46
N HIS A 15 13.26 -16.76 -4.49
CA HIS A 15 12.39 -17.91 -4.61
C HIS A 15 11.12 -17.56 -5.40
N SER A 16 10.37 -18.60 -5.77
CA SER A 16 9.13 -18.39 -6.53
C SER A 16 8.02 -17.88 -5.63
N LEU A 17 7.51 -18.73 -4.74
CA LEU A 17 6.45 -18.38 -3.82
C LEU A 17 7.04 -17.83 -2.52
N PRO A 18 6.25 -17.15 -1.70
CA PRO A 18 6.80 -16.54 -0.49
C PRO A 18 7.05 -17.53 0.63
N LEU A 19 8.21 -17.39 1.27
CA LEU A 19 8.59 -18.25 2.39
C LEU A 19 7.79 -17.89 3.64
N ALA A 20 7.56 -16.59 3.86
CA ALA A 20 6.81 -16.17 5.05
C ALA A 20 5.43 -16.82 5.09
N ARG A 21 4.81 -17.03 3.93
CA ARG A 21 3.51 -17.68 3.90
C ARG A 21 3.62 -19.15 4.31
N ILE A 22 4.67 -19.82 3.85
CA ILE A 22 4.90 -21.20 4.29
C ILE A 22 5.09 -21.24 5.80
N LYS A 23 5.82 -20.28 6.36
CA LYS A 23 5.99 -20.24 7.81
C LYS A 23 4.67 -20.04 8.53
N LYS A 24 3.82 -19.14 8.02
CA LYS A 24 2.52 -18.94 8.67
C LYS A 24 1.71 -20.24 8.67
N ILE A 25 1.67 -20.90 7.51
CA ILE A 25 0.90 -22.14 7.38
C ILE A 25 1.47 -23.19 8.32
N MET A 26 2.80 -23.22 8.48
CA MET A 26 3.42 -24.15 9.41
C MET A 26 3.03 -23.84 10.85
N LYS A 27 3.11 -22.56 11.22
CA LYS A 27 2.79 -22.14 12.57
C LYS A 27 1.36 -22.41 12.94
N ALA A 28 0.48 -22.71 11.97
CA ALA A 28 -0.86 -23.10 12.34
C ALA A 28 -0.86 -24.32 13.27
N ASP A 29 0.10 -25.24 13.11
CA ASP A 29 0.24 -26.36 14.03
C ASP A 29 0.79 -25.88 15.37
N GLU A 30 0.08 -26.19 16.47
CA GLU A 30 0.56 -25.77 17.78
C GLU A 30 1.75 -26.57 18.26
N ASP A 31 1.96 -27.77 17.73
CA ASP A 31 3.10 -28.60 18.10
C ASP A 31 4.39 -28.16 17.42
N VAL A 32 4.44 -26.92 16.94
CA VAL A 32 5.58 -26.36 16.24
C VAL A 32 6.11 -25.19 17.04
N ARG A 33 7.37 -25.25 17.45
CA ARG A 33 7.99 -24.20 18.25
C ARG A 33 9.00 -23.38 17.44
N MET A 34 9.98 -24.04 16.82
CA MET A 34 11.02 -23.38 16.08
C MET A 34 11.07 -23.96 14.67
N ILE A 35 11.25 -23.09 13.69
CA ILE A 35 11.32 -23.48 12.29
C ILE A 35 12.67 -23.04 11.76
N SER A 36 13.47 -23.99 11.29
CA SER A 36 14.75 -23.66 10.71
C SER A 36 14.56 -22.88 9.42
N ALA A 37 15.62 -22.20 8.98
CA ALA A 37 15.55 -21.50 7.71
C ALA A 37 15.52 -22.47 6.54
N GLU A 38 15.99 -23.70 6.76
CA GLU A 38 15.97 -24.71 5.70
C GLU A 38 14.56 -25.11 5.33
N ALA A 39 13.63 -25.08 6.30
CA ALA A 39 12.32 -25.70 6.07
C ALA A 39 11.47 -24.93 5.05
N PRO A 40 11.34 -23.60 5.13
CA PRO A 40 10.56 -22.92 4.09
C PRO A 40 11.16 -23.04 2.70
N VAL A 41 12.50 -23.02 2.60
CA VAL A 41 13.15 -23.16 1.30
C VAL A 41 12.92 -24.56 0.73
N VAL A 42 12.94 -25.59 1.58
CA VAL A 42 12.61 -26.92 1.11
C VAL A 42 11.18 -26.98 0.63
N PHE A 43 10.24 -26.49 1.46
CA PHE A 43 8.83 -26.56 1.11
C PHE A 43 8.51 -25.78 -0.17
N ALA A 44 9.23 -24.70 -0.45
CA ALA A 44 9.02 -23.99 -1.72
C ALA A 44 9.05 -24.95 -2.90
N ARG A 45 10.20 -25.62 -3.09
CA ARG A 45 10.32 -26.55 -4.21
C ARG A 45 9.47 -27.81 -4.00
N ALA A 46 9.21 -28.20 -2.75
CA ALA A 46 8.36 -29.36 -2.53
C ALA A 46 6.95 -29.09 -3.05
N CYS A 47 6.39 -27.94 -2.69
CA CYS A 47 5.08 -27.54 -3.17
C CYS A 47 5.08 -27.37 -4.68
N GLU A 48 6.15 -26.79 -5.24
CA GLU A 48 6.24 -26.66 -6.69
C GLU A 48 6.13 -28.02 -7.38
N MET A 49 6.94 -28.99 -6.93
CA MET A 49 6.89 -30.33 -7.53
C MET A 49 5.54 -31.00 -7.31
N PHE A 50 4.91 -30.73 -6.15
CA PHE A 50 3.57 -31.26 -5.88
C PHE A 50 2.56 -30.71 -6.87
N ILE A 51 2.59 -29.39 -7.08
CA ILE A 51 1.74 -28.75 -8.09
C ILE A 51 1.95 -29.41 -9.44
N LEU A 52 3.21 -29.62 -9.81
CA LEU A 52 3.51 -30.18 -11.12
C LEU A 52 2.89 -31.56 -11.27
N GLU A 53 3.13 -32.44 -10.29
CA GLU A 53 2.60 -33.80 -10.39
C GLU A 53 1.08 -33.80 -10.43
N LEU A 54 0.45 -33.00 -9.56
CA LEU A 54 -1.02 -33.03 -9.49
C LEU A 54 -1.63 -32.44 -10.76
N THR A 55 -1.06 -31.36 -11.28
CA THR A 55 -1.55 -30.77 -12.52
C THR A 55 -1.45 -31.74 -13.68
N LEU A 56 -0.33 -32.48 -13.78
CA LEU A 56 -0.21 -33.44 -14.86
C LEU A 56 -1.21 -34.60 -14.70
N ARG A 57 -1.37 -35.08 -13.46
CA ARG A 57 -2.31 -36.17 -13.22
C ARG A 57 -3.73 -35.77 -13.54
N SER A 58 -4.08 -34.50 -13.33
CA SER A 58 -5.41 -34.03 -13.71
C SER A 58 -5.54 -33.75 -15.20
N TRP A 59 -4.45 -33.28 -15.82
CA TRP A 59 -4.47 -33.02 -17.26
C TRP A 59 -4.67 -34.29 -18.06
N ASN A 60 -4.22 -35.42 -17.53
CA ASN A 60 -4.54 -36.68 -18.20
C ASN A 60 -6.05 -36.87 -18.32
N HIS A 61 -6.80 -36.55 -17.25
CA HIS A 61 -8.25 -36.70 -17.31
C HIS A 61 -8.89 -35.63 -18.19
N THR A 62 -8.38 -34.40 -18.17
CA THR A 62 -8.89 -33.38 -19.08
C THR A 62 -8.74 -33.82 -20.53
N GLU A 63 -7.58 -34.41 -20.86
CA GLU A 63 -7.41 -34.91 -22.21
C GLU A 63 -8.34 -36.08 -22.47
N GLU A 64 -8.61 -36.89 -21.44
CA GLU A 64 -9.56 -37.99 -21.57
C GLU A 64 -10.97 -37.50 -21.84
N ASN A 65 -11.28 -36.23 -21.54
CA ASN A 65 -12.55 -35.63 -21.92
C ASN A 65 -12.45 -34.72 -23.14
N LYS A 66 -11.31 -34.72 -23.83
CA LYS A 66 -11.08 -33.87 -25.00
C LYS A 66 -11.43 -32.42 -24.69
N ARG A 67 -10.78 -31.88 -23.67
CA ARG A 67 -10.97 -30.49 -23.28
C ARG A 67 -9.62 -29.81 -23.14
N ARG A 68 -9.62 -28.49 -23.37
CA ARG A 68 -8.40 -27.69 -23.26
C ARG A 68 -8.35 -26.87 -21.97
N THR A 69 -9.26 -27.11 -21.04
CA THR A 69 -9.33 -26.32 -19.82
C THR A 69 -9.33 -27.25 -18.60
N LEU A 70 -8.53 -26.90 -17.60
CA LEU A 70 -8.44 -27.65 -16.36
C LEU A 70 -9.48 -27.11 -15.37
N GLN A 71 -10.45 -27.95 -15.02
CA GLN A 71 -11.49 -27.58 -14.07
C GLN A 71 -11.38 -28.45 -12.82
N LYS A 72 -12.10 -28.02 -11.78
CA LYS A 72 -12.00 -28.66 -10.47
C LYS A 72 -12.27 -30.16 -10.52
N ASN A 73 -13.23 -30.59 -11.36
CA ASN A 73 -13.55 -32.01 -11.40
C ASN A 73 -12.38 -32.85 -11.91
N ASP A 74 -11.55 -32.27 -12.78
CA ASP A 74 -10.34 -32.96 -13.23
C ASP A 74 -9.41 -33.24 -12.06
N ILE A 75 -9.19 -32.24 -11.22
CA ILE A 75 -8.34 -32.40 -10.05
C ILE A 75 -8.96 -33.39 -9.07
N ALA A 76 -10.29 -33.36 -8.93
CA ALA A 76 -10.96 -34.31 -8.05
C ALA A 76 -10.74 -35.75 -8.51
N ALA A 77 -10.86 -35.99 -9.81
CA ALA A 77 -10.61 -37.34 -10.35
C ALA A 77 -9.17 -37.75 -10.12
N ALA A 78 -8.22 -36.85 -10.40
CA ALA A 78 -6.81 -37.15 -10.17
C ALA A 78 -6.54 -37.47 -8.69
N VAL A 79 -7.19 -36.74 -7.78
CA VAL A 79 -7.06 -37.01 -6.36
C VAL A 79 -7.57 -38.41 -6.02
N THR A 80 -8.76 -38.74 -6.53
CA THR A 80 -9.36 -40.02 -6.16
C THR A 80 -8.63 -41.21 -6.79
N ARG A 81 -7.90 -41.00 -7.89
CA ARG A 81 -7.23 -42.12 -8.52
C ARG A 81 -6.03 -42.63 -7.72
N THR A 82 -5.22 -41.73 -7.16
CA THR A 82 -3.96 -42.11 -6.53
C THR A 82 -4.02 -41.95 -5.02
N ASP A 83 -3.49 -42.96 -4.32
CA ASP A 83 -3.53 -42.99 -2.87
C ASP A 83 -2.56 -42.01 -2.20
N ILE A 84 -1.54 -41.53 -2.90
CA ILE A 84 -0.62 -40.61 -2.23
C ILE A 84 -1.35 -39.33 -1.86
N PHE A 85 -2.46 -39.02 -2.56
CA PHE A 85 -3.27 -37.86 -2.20
C PHE A 85 -4.55 -38.27 -1.48
N ASP A 86 -4.48 -39.30 -0.61
CA ASP A 86 -5.69 -39.72 0.08
C ASP A 86 -6.12 -38.67 1.09
N PHE A 87 -5.16 -37.93 1.61
CA PHE A 87 -5.46 -36.89 2.59
C PHE A 87 -6.37 -35.83 2.00
N LEU A 88 -6.41 -35.72 0.66
CA LEU A 88 -7.24 -34.71 0.04
C LEU A 88 -8.70 -35.11 -0.11
N VAL A 89 -9.04 -36.39 0.11
CA VAL A 89 -10.40 -36.85 -0.20
C VAL A 89 -11.45 -36.05 0.54
N ASP A 90 -11.12 -35.50 1.72
CA ASP A 90 -12.07 -34.72 2.48
C ASP A 90 -12.26 -33.32 1.90
N ILE A 91 -11.34 -32.86 1.06
CA ILE A 91 -11.39 -31.49 0.53
C ILE A 91 -11.88 -31.41 -0.91
N VAL A 92 -11.98 -32.53 -1.63
CA VAL A 92 -12.40 -32.50 -3.03
C VAL A 92 -13.79 -33.12 -3.14
N PRO A 93 -14.61 -32.67 -4.10
CA PRO A 93 -16.01 -33.15 -4.15
C PRO A 93 -16.16 -34.62 -4.51
N ARG A 94 -15.08 -35.35 -4.75
CA ARG A 94 -15.15 -36.79 -5.07
C ARG A 94 -16.02 -37.06 -6.29
N MET A 121 -0.70 -50.14 7.24
CA MET A 121 -2.01 -49.90 7.84
C MET A 121 -1.93 -48.69 8.75
N ASP A 122 -0.70 -48.19 8.93
CA ASP A 122 -0.41 -47.07 9.82
C ASP A 122 -0.65 -45.72 9.13
N ARG A 123 -0.15 -45.58 7.90
CA ARG A 123 -0.25 -44.33 7.15
C ARG A 123 -1.67 -43.78 7.11
N GLU A 124 -2.67 -44.65 6.95
CA GLU A 124 -4.06 -44.20 6.93
C GLU A 124 -4.47 -43.62 8.29
N ALA A 125 -4.04 -44.27 9.38
CA ALA A 125 -4.34 -43.74 10.71
C ALA A 125 -3.68 -42.38 10.89
N ARG A 126 -2.48 -42.20 10.35
CA ARG A 126 -1.83 -40.90 10.40
C ARG A 126 -2.58 -39.87 9.57
N VAL A 127 -3.21 -40.30 8.46
CA VAL A 127 -4.02 -39.39 7.67
C VAL A 127 -5.22 -38.90 8.48
N LEU A 128 -5.83 -39.79 9.25
CA LEU A 128 -6.94 -39.35 10.09
C LEU A 128 -6.46 -38.46 11.24
N ARG A 129 -5.27 -38.75 11.79
CA ARG A 129 -4.66 -37.83 12.74
C ARG A 129 -4.48 -36.45 12.12
N TYR A 130 -4.10 -36.42 10.84
CA TYR A 130 -3.99 -35.16 10.10
C TYR A 130 -5.32 -34.45 10.01
N ARG A 131 -6.39 -35.20 9.75
CA ARG A 131 -7.71 -34.59 9.68
C ARG A 131 -8.09 -33.97 11.01
N GLU A 132 -7.86 -34.69 12.11
CA GLU A 132 -8.16 -34.14 13.43
C GLU A 132 -7.33 -32.89 13.72
N LYS A 133 -6.06 -32.89 13.30
CA LYS A 133 -5.22 -31.71 13.50
C LYS A 133 -5.66 -30.54 12.63
N ARG A 134 -6.25 -30.83 11.47
CA ARG A 134 -6.76 -29.79 10.59
C ARG A 134 -7.78 -28.89 11.29
N LYS A 135 -8.65 -29.48 12.11
CA LYS A 135 -9.64 -28.69 12.84
C LYS A 135 -8.97 -27.74 13.82
N THR A 136 -7.89 -28.17 14.47
CA THR A 136 -7.17 -27.37 15.45
C THR A 136 -6.01 -26.69 14.73
N ARG A 137 -6.32 -25.55 14.12
CA ARG A 137 -5.33 -24.69 13.51
C ARG A 137 -5.50 -23.28 14.04
N LYS A 138 -4.41 -22.66 14.48
CA LYS A 138 -4.45 -21.30 14.96
C LYS A 138 -3.62 -20.42 14.04
N PHE A 139 -4.28 -19.46 13.40
CA PHE A 139 -3.63 -18.49 12.54
C PHE A 139 -3.46 -17.16 13.26
N GLU A 140 -3.85 -17.09 14.52
CA GLU A 140 -3.64 -15.88 15.32
C GLU A 140 -2.17 -15.73 15.66
N LYS A 141 -1.73 -14.47 15.74
CA LYS A 141 -0.37 -14.17 16.14
C LYS A 141 -0.14 -14.65 17.56
N THR A 142 0.60 -15.75 17.74
CA THR A 142 0.89 -16.29 19.05
C THR A 142 2.36 -16.12 19.36
N ILE A 143 2.66 -15.63 20.56
CA ILE A 143 4.03 -15.47 21.02
C ILE A 143 4.42 -16.73 21.78
N ARG A 144 5.61 -17.26 21.49
CA ARG A 144 6.14 -18.44 22.15
C ARG A 144 7.33 -18.13 23.04
N TYR A 145 8.18 -17.20 22.62
CA TYR A 145 9.39 -16.84 23.37
C TYR A 145 9.29 -15.34 23.65
N ALA A 146 8.43 -14.98 24.61
CA ALA A 146 8.15 -13.58 24.90
C ALA A 146 9.40 -12.81 25.31
N SER A 147 10.48 -13.50 25.70
CA SER A 147 11.73 -12.81 25.95
C SER A 147 12.24 -12.16 24.68
N ARG A 148 12.23 -12.94 23.59
CA ARG A 148 12.66 -12.41 22.30
C ARG A 148 11.79 -11.22 21.90
N LYS A 149 10.48 -11.31 22.16
CA LYS A 149 9.56 -10.20 21.91
C LYS A 149 9.98 -8.95 22.67
N ALA A 150 10.27 -9.09 23.97
CA ALA A 150 10.69 -7.94 24.76
C ALA A 150 11.96 -7.32 24.19
N TYR A 151 12.96 -8.16 23.90
CA TYR A 151 14.18 -7.64 23.30
C TYR A 151 13.89 -6.93 21.99
N ALA A 152 12.92 -7.40 21.23
CA ALA A 152 12.60 -6.77 19.95
C ALA A 152 11.93 -5.42 20.18
N GLU A 153 11.07 -5.34 21.21
CA GLU A 153 10.53 -4.04 21.60
C GLU A 153 11.64 -3.09 22.01
N ILE A 154 12.79 -3.62 22.44
CA ILE A 154 13.85 -2.78 22.99
C ILE A 154 14.96 -2.50 21.98
N ARG A 155 15.23 -3.46 21.08
CA ARG A 155 16.31 -3.36 20.11
C ARG A 155 16.31 -2.04 19.36
N PRO A 156 17.47 -1.57 18.89
CA PRO A 156 17.50 -0.34 18.10
C PRO A 156 17.11 -0.64 16.66
N ARG A 157 16.15 0.09 16.15
CA ARG A 157 15.57 -0.15 14.84
C ARG A 157 15.71 1.08 13.97
N VAL A 158 16.27 0.91 12.76
CA VAL A 158 16.36 1.96 11.76
C VAL A 158 15.47 1.57 10.59
N ASN A 159 14.51 2.45 10.26
CA ASN A 159 13.51 2.19 9.23
C ASN A 159 12.72 0.92 9.53
N GLY A 160 12.49 0.65 10.81
CA GLY A 160 11.87 -0.59 11.25
C GLY A 160 12.81 -1.78 11.28
N ARG A 161 13.92 -1.73 10.55
CA ARG A 161 14.89 -2.81 10.52
C ARG A 161 15.84 -2.69 11.71
N PHE A 162 16.42 -3.83 12.10
CA PHE A 162 17.30 -3.87 13.26
C PHE A 162 18.63 -3.19 12.98
N ASP B 6 -5.10 -15.31 3.91
CA ASP B 6 -3.91 -15.55 4.71
C ASP B 6 -3.78 -17.03 5.08
N ARG B 7 -4.85 -17.79 4.83
CA ARG B 7 -4.88 -19.20 5.18
C ARG B 7 -4.35 -20.10 4.06
N PHE B 8 -4.05 -19.53 2.89
CA PHE B 8 -3.54 -20.30 1.76
C PHE B 8 -2.37 -19.56 1.14
N LEU B 9 -1.68 -20.25 0.23
CA LEU B 9 -0.60 -19.65 -0.52
C LEU B 9 -1.15 -18.65 -1.53
N PRO B 10 -0.37 -17.66 -1.93
CA PRO B 10 -0.85 -16.68 -2.92
C PRO B 10 -1.25 -17.38 -4.22
N ILE B 11 -2.32 -16.89 -4.83
CA ILE B 11 -2.93 -17.62 -5.95
C ILE B 11 -2.17 -17.37 -7.26
N ALA B 12 -1.61 -16.17 -7.44
CA ALA B 12 -0.90 -15.88 -8.68
C ALA B 12 0.29 -16.81 -8.87
N ASN B 13 1.07 -17.04 -7.81
CA ASN B 13 2.24 -17.90 -7.91
C ASN B 13 1.83 -19.34 -8.17
N VAL B 14 0.82 -19.84 -7.45
CA VAL B 14 0.33 -21.20 -7.67
C VAL B 14 -0.10 -21.36 -9.13
N SER B 15 -0.89 -20.42 -9.63
CA SER B 15 -1.39 -20.52 -11.00
C SER B 15 -0.25 -20.48 -12.02
N ARG B 16 0.75 -19.63 -11.79
CA ARG B 16 1.89 -19.60 -12.69
C ARG B 16 2.68 -20.92 -12.66
N ILE B 17 2.80 -21.53 -11.48
CA ILE B 17 3.45 -22.84 -11.41
C ILE B 17 2.65 -23.87 -12.20
N MET B 18 1.32 -23.83 -12.07
CA MET B 18 0.47 -24.74 -12.86
C MET B 18 0.67 -24.50 -14.35
N LYS B 19 0.76 -23.24 -14.77
CA LYS B 19 0.99 -22.93 -16.17
C LYS B 19 2.30 -23.52 -16.66
N LYS B 20 3.36 -23.42 -15.83
CA LYS B 20 4.65 -23.97 -16.22
C LYS B 20 4.56 -25.45 -16.56
N ALA B 21 3.58 -26.16 -15.98
CA ALA B 21 3.38 -27.58 -16.24
C ALA B 21 2.54 -27.87 -17.48
N LEU B 22 1.94 -26.86 -18.08
CA LEU B 22 0.94 -27.08 -19.13
C LEU B 22 1.35 -26.41 -20.43
N PRO B 23 0.84 -26.88 -21.56
CA PRO B 23 1.17 -26.26 -22.85
C PRO B 23 0.60 -24.84 -22.95
N ALA B 24 1.11 -24.11 -23.94
CA ALA B 24 0.70 -22.71 -24.11
C ALA B 24 -0.75 -22.59 -24.53
N ASN B 25 -1.26 -23.56 -25.30
CA ASN B 25 -2.65 -23.55 -25.75
C ASN B 25 -3.62 -23.87 -24.62
N ALA B 26 -3.13 -24.37 -23.49
CA ALA B 26 -3.98 -24.83 -22.42
C ALA B 26 -4.59 -23.65 -21.66
N LYS B 27 -5.69 -23.94 -20.97
CA LYS B 27 -6.41 -22.97 -20.15
C LYS B 27 -6.72 -23.61 -18.80
N ILE B 28 -6.88 -22.77 -17.78
CA ILE B 28 -7.07 -23.23 -16.41
C ILE B 28 -8.31 -22.57 -15.83
N SER B 29 -9.24 -23.38 -15.33
CA SER B 29 -10.42 -22.82 -14.69
C SER B 29 -10.01 -22.13 -13.40
N LYS B 30 -10.75 -21.09 -13.05
CA LYS B 30 -10.48 -20.36 -11.82
C LYS B 30 -10.77 -21.23 -10.60
N ASP B 31 -11.86 -22.02 -10.67
CA ASP B 31 -12.15 -22.97 -9.61
C ASP B 31 -11.00 -23.96 -9.44
N ALA B 32 -10.38 -24.37 -10.55
CA ALA B 32 -9.24 -25.26 -10.46
C ALA B 32 -8.07 -24.58 -9.76
N LYS B 33 -7.85 -23.30 -10.03
CA LYS B 33 -6.79 -22.55 -9.36
C LYS B 33 -7.02 -22.51 -7.86
N GLU B 34 -8.25 -22.21 -7.46
CA GLU B 34 -8.59 -22.15 -6.04
C GLU B 34 -8.40 -23.51 -5.37
N THR B 35 -8.87 -24.56 -6.04
CA THR B 35 -8.71 -25.92 -5.51
C THR B 35 -7.24 -26.29 -5.37
N MET B 36 -6.43 -25.90 -6.35
CA MET B 36 -5.01 -26.23 -6.32
C MET B 36 -4.32 -25.53 -5.16
N GLN B 37 -4.62 -24.25 -4.95
CA GLN B 37 -3.99 -23.54 -3.83
C GLN B 37 -4.42 -24.12 -2.48
N GLU B 38 -5.70 -24.49 -2.35
CA GLU B 38 -6.12 -25.15 -1.12
C GLU B 38 -5.38 -26.47 -0.93
N CYS B 39 -5.21 -27.23 -2.01
CA CYS B 39 -4.54 -28.52 -1.92
C CYS B 39 -3.09 -28.37 -1.49
N VAL B 40 -2.38 -27.36 -2.01
CA VAL B 40 -0.97 -27.24 -1.64
C VAL B 40 -0.85 -26.78 -0.18
N SER B 41 -1.72 -25.87 0.26
CA SER B 41 -1.65 -25.46 1.66
C SER B 41 -1.94 -26.63 2.60
N GLU B 42 -2.89 -27.48 2.22
CA GLU B 42 -3.19 -28.65 3.05
C GLU B 42 -2.05 -29.66 3.02
N PHE B 43 -1.37 -29.77 1.87
CA PHE B 43 -0.19 -30.63 1.80
C PHE B 43 0.93 -30.13 2.71
N ILE B 44 1.11 -28.80 2.75
CA ILE B 44 2.09 -28.22 3.67
C ILE B 44 1.77 -28.61 5.10
N SER B 45 0.52 -28.39 5.52
CA SER B 45 0.17 -28.70 6.90
C SER B 45 0.25 -30.19 7.20
N PHE B 46 -0.05 -31.04 6.21
CA PHE B 46 0.11 -32.49 6.34
C PHE B 46 1.56 -32.85 6.67
N VAL B 47 2.48 -32.41 5.81
CA VAL B 47 3.89 -32.75 6.00
C VAL B 47 4.43 -32.12 7.28
N THR B 48 3.95 -30.91 7.62
CA THR B 48 4.41 -30.24 8.83
C THR B 48 3.97 -31.01 10.07
N GLY B 49 2.74 -31.51 10.08
CA GLY B 49 2.28 -32.33 11.19
C GLY B 49 3.12 -33.59 11.34
N GLU B 50 3.46 -34.24 10.22
CA GLU B 50 4.28 -35.44 10.34
C GLU B 50 5.69 -35.12 10.84
N ALA B 51 6.29 -34.03 10.35
CA ALA B 51 7.61 -33.64 10.81
C ALA B 51 7.58 -33.32 12.30
N SER B 52 6.51 -32.66 12.76
CA SER B 52 6.38 -32.36 14.17
C SER B 52 6.21 -33.63 14.98
N ASP B 53 5.51 -34.62 14.44
CA ASP B 53 5.40 -35.90 15.13
C ASP B 53 6.78 -36.53 15.31
N LYS B 54 7.60 -36.54 14.26
CA LYS B 54 8.93 -37.10 14.39
C LYS B 54 9.78 -36.30 15.37
N CYS B 55 9.70 -34.97 15.33
CA CYS B 55 10.53 -34.15 16.21
C CYS B 55 10.11 -34.31 17.67
N GLN B 56 8.82 -34.48 17.93
CA GLN B 56 8.41 -34.83 19.29
C GLN B 56 8.94 -36.19 19.69
N LYS B 57 8.88 -37.17 18.78
CA LYS B 57 9.36 -38.51 19.09
C LYS B 57 10.86 -38.53 19.32
N GLU B 58 11.61 -37.64 18.67
CA GLU B 58 13.06 -37.57 18.83
C GLU B 58 13.48 -36.47 19.81
N LYS B 59 12.54 -35.97 20.61
CA LYS B 59 12.81 -34.99 21.66
C LYS B 59 13.54 -33.75 21.10
N ARG B 60 13.18 -33.36 19.88
CA ARG B 60 13.68 -32.14 19.28
C ARG B 60 12.59 -31.08 19.25
N LYS B 61 13.02 -29.82 19.22
CA LYS B 61 12.11 -28.69 19.18
C LYS B 61 12.25 -27.84 17.94
N THR B 62 13.38 -27.93 17.24
CA THR B 62 13.61 -27.23 15.98
C THR B 62 13.35 -28.18 14.82
N ILE B 63 12.61 -27.71 13.81
CA ILE B 63 12.20 -28.53 12.67
C ILE B 63 13.17 -28.27 11.53
N ASN B 64 13.83 -29.31 11.05
CA ASN B 64 14.84 -29.19 10.01
C ASN B 64 14.38 -29.84 8.72
N GLY B 65 15.21 -29.69 7.68
CA GLY B 65 14.88 -30.23 6.38
C GLY B 65 14.83 -31.75 6.35
N ASP B 66 15.78 -32.39 7.02
CA ASP B 66 15.79 -33.85 7.07
C ASP B 66 14.52 -34.40 7.73
N ASP B 67 13.99 -33.68 8.72
CA ASP B 67 12.70 -34.06 9.30
C ASP B 67 11.58 -33.98 8.27
N LEU B 68 11.55 -32.88 7.51
CA LEU B 68 10.55 -32.75 6.46
C LEU B 68 10.64 -33.89 5.47
N LEU B 69 11.87 -34.26 5.07
CA LEU B 69 12.03 -35.29 4.07
C LEU B 69 11.68 -36.67 4.63
N TRP B 70 12.00 -36.93 5.90
CA TRP B 70 11.57 -38.19 6.50
C TRP B 70 10.04 -38.25 6.55
N ALA B 71 9.41 -37.12 6.84
CA ALA B 71 7.95 -37.07 6.81
C ALA B 71 7.43 -37.37 5.41
N MET B 72 7.95 -36.68 4.41
CA MET B 72 7.49 -36.87 3.04
C MET B 72 7.71 -38.30 2.57
N THR B 73 8.82 -38.91 2.98
CA THR B 73 9.07 -40.31 2.66
C THR B 73 8.04 -41.21 3.33
N THR B 74 7.71 -40.91 4.59
CA THR B 74 6.70 -41.67 5.30
C THR B 74 5.32 -41.52 4.68
N LEU B 75 5.08 -40.39 4.02
CA LEU B 75 3.79 -40.04 3.44
C LEU B 75 3.66 -40.50 1.99
N GLY B 76 4.68 -41.16 1.44
CA GLY B 76 4.61 -41.73 0.11
C GLY B 76 5.13 -40.86 -1.02
N PHE B 77 5.62 -39.65 -0.74
CA PHE B 77 6.17 -38.80 -1.79
C PHE B 77 7.65 -39.08 -2.00
N GLU B 78 8.00 -40.37 -2.12
CA GLU B 78 9.40 -40.77 -2.17
C GLU B 78 10.13 -40.12 -3.33
N ASP B 79 9.55 -40.20 -4.53
CA ASP B 79 10.16 -39.69 -5.74
C ASP B 79 10.44 -38.19 -5.67
N TYR B 80 9.91 -37.50 -4.67
CA TYR B 80 10.22 -36.09 -4.44
C TYR B 80 11.57 -35.91 -3.76
N VAL B 81 11.97 -36.88 -2.93
CA VAL B 81 12.98 -36.67 -1.89
C VAL B 81 14.35 -36.34 -2.49
N GLU B 82 14.82 -37.17 -3.42
CA GLU B 82 16.24 -37.12 -3.81
C GLU B 82 16.66 -35.78 -4.40
N PRO B 83 15.95 -35.22 -5.39
CA PRO B 83 16.32 -33.87 -5.86
C PRO B 83 16.22 -32.83 -4.77
N LEU B 84 15.25 -33.00 -3.86
CA LEU B 84 15.17 -32.11 -2.71
C LEU B 84 16.39 -32.25 -1.80
N LYS B 85 16.93 -33.46 -1.70
CA LYS B 85 18.20 -33.62 -0.99
C LYS B 85 19.28 -32.76 -1.65
N VAL B 86 19.35 -32.77 -2.99
CA VAL B 86 20.31 -31.92 -3.66
C VAL B 86 20.03 -30.43 -3.39
N TYR B 87 18.75 -30.08 -3.40
CA TYR B 87 18.39 -28.67 -3.22
C TYR B 87 18.87 -28.22 -1.85
N LEU B 88 18.94 -29.15 -0.91
CA LEU B 88 19.33 -28.76 0.46
C LEU B 88 20.72 -28.11 0.51
N GLN B 89 21.67 -28.64 -0.24
CA GLN B 89 23.06 -28.14 -0.17
C GLN B 89 23.18 -26.63 -0.37
N ARG B 90 23.41 -25.93 0.74
CA ARG B 90 23.64 -24.48 0.76
C ARG B 90 24.81 -24.19 1.73
N PHE E 12 -37.54 -5.70 13.49
CA PHE E 12 -37.25 -4.29 13.75
C PHE E 12 -36.07 -3.82 12.92
N LYS E 13 -35.57 -2.63 13.25
CA LYS E 13 -34.32 -2.12 12.70
C LYS E 13 -33.12 -2.45 13.58
N ASN E 14 -33.33 -3.25 14.62
CA ASN E 14 -32.28 -3.64 15.56
C ASN E 14 -32.28 -5.16 15.69
N HIS E 15 -31.16 -5.78 15.34
CA HIS E 15 -30.96 -7.21 15.51
C HIS E 15 -29.66 -7.48 16.22
N SER E 16 -29.50 -8.72 16.69
CA SER E 16 -28.26 -9.13 17.33
C SER E 16 -27.16 -9.33 16.31
N LEU E 17 -27.36 -10.28 15.39
CA LEU E 17 -26.40 -10.61 14.36
C LEU E 17 -26.59 -9.74 13.13
N PRO E 18 -25.57 -9.66 12.27
CA PRO E 18 -25.70 -8.85 11.05
C PRO E 18 -26.46 -9.56 9.96
N LEU E 19 -27.35 -8.83 9.30
CA LEU E 19 -28.11 -9.41 8.20
C LEU E 19 -27.24 -9.64 6.98
N ALA E 20 -26.34 -8.68 6.69
CA ALA E 20 -25.46 -8.81 5.54
C ALA E 20 -24.57 -10.06 5.63
N ARG E 21 -24.15 -10.43 6.85
CA ARG E 21 -23.32 -11.62 6.99
C ARG E 21 -24.11 -12.90 6.72
N ILE E 22 -25.34 -12.98 7.24
CA ILE E 22 -26.19 -14.14 6.94
C ILE E 22 -26.46 -14.21 5.44
N LYS E 23 -26.69 -13.05 4.82
CA LYS E 23 -26.92 -13.04 3.38
C LYS E 23 -25.70 -13.54 2.62
N LYS E 24 -24.50 -13.13 3.03
CA LYS E 24 -23.28 -13.61 2.39
C LYS E 24 -23.15 -15.13 2.54
N ILE E 25 -23.39 -15.63 3.75
CA ILE E 25 -23.27 -17.07 3.98
C ILE E 25 -24.27 -17.83 3.13
N MET E 26 -25.47 -17.27 2.96
CA MET E 26 -26.46 -17.89 2.09
C MET E 26 -25.99 -17.87 0.64
N LYS E 27 -25.48 -16.72 0.20
CA LYS E 27 -25.00 -16.56 -1.17
C LYS E 27 -23.83 -17.48 -1.49
N ALA E 28 -23.18 -18.04 -0.47
CA ALA E 28 -22.10 -18.98 -0.75
C ALA E 28 -22.58 -20.17 -1.59
N ASP E 29 -23.84 -20.57 -1.40
CA ASP E 29 -24.44 -21.62 -2.21
C ASP E 29 -24.70 -21.13 -3.63
N GLU E 30 -24.23 -21.89 -4.63
CA GLU E 30 -24.48 -21.52 -6.02
C GLU E 30 -25.93 -21.73 -6.42
N ASP E 31 -26.66 -22.62 -5.74
CA ASP E 31 -28.07 -22.83 -6.01
C ASP E 31 -28.95 -21.78 -5.39
N VAL E 32 -28.37 -20.65 -5.02
CA VAL E 32 -29.10 -19.56 -4.39
C VAL E 32 -29.05 -18.42 -5.39
N ARG E 33 -30.20 -18.01 -5.91
CA ARG E 33 -30.19 -16.93 -6.90
C ARG E 33 -30.73 -15.63 -6.32
N MET E 34 -31.91 -15.67 -5.71
CA MET E 34 -32.53 -14.50 -5.11
C MET E 34 -32.89 -14.83 -3.67
N ILE E 35 -32.63 -13.88 -2.76
CA ILE E 35 -32.92 -14.06 -1.34
C ILE E 35 -33.87 -12.95 -0.92
N SER E 36 -35.04 -13.33 -0.41
CA SER E 36 -35.99 -12.34 0.06
C SER E 36 -35.45 -11.64 1.31
N ALA E 37 -36.01 -10.46 1.60
CA ALA E 37 -35.57 -9.71 2.77
C ALA E 37 -36.07 -10.33 4.08
N GLU E 38 -37.16 -11.10 4.05
CA GLU E 38 -37.61 -11.75 5.28
C GLU E 38 -36.65 -12.84 5.74
N ALA E 39 -35.92 -13.46 4.81
CA ALA E 39 -35.15 -14.66 5.17
C ALA E 39 -34.01 -14.35 6.13
N PRO E 40 -33.19 -13.31 5.93
CA PRO E 40 -32.18 -13.00 6.95
C PRO E 40 -32.79 -12.59 8.29
N VAL E 41 -33.93 -11.90 8.28
CA VAL E 41 -34.57 -11.53 9.54
C VAL E 41 -35.06 -12.76 10.27
N VAL E 42 -35.56 -13.75 9.54
CA VAL E 42 -35.91 -15.03 10.15
C VAL E 42 -34.67 -15.68 10.73
N PHE E 43 -33.59 -15.75 9.93
CA PHE E 43 -32.37 -16.39 10.39
C PHE E 43 -31.78 -15.73 11.63
N ALA E 44 -31.97 -14.42 11.80
CA ALA E 44 -31.49 -13.77 13.02
C ALA E 44 -31.98 -14.52 14.26
N ARG E 45 -33.30 -14.60 14.43
CA ARG E 45 -33.85 -15.30 15.59
C ARG E 45 -33.63 -16.80 15.50
N ALA E 46 -33.54 -17.35 14.29
CA ALA E 46 -33.28 -18.78 14.17
C ALA E 46 -31.92 -19.13 14.75
N CYS E 47 -30.88 -18.41 14.34
CA CYS E 47 -29.55 -18.60 14.88
C CYS E 47 -29.53 -18.32 16.38
N GLU E 48 -30.24 -17.29 16.83
CA GLU E 48 -30.31 -17.05 18.27
C GLU E 48 -30.82 -18.28 19.02
N MET E 49 -31.95 -18.84 18.58
CA MET E 49 -32.52 -20.01 19.25
C MET E 49 -31.58 -21.21 19.12
N PHE E 50 -30.88 -21.33 18.00
CA PHE E 50 -29.93 -22.41 17.83
C PHE E 50 -28.78 -22.29 18.83
N ILE E 51 -28.23 -21.09 18.95
CA ILE E 51 -27.17 -20.82 19.92
C ILE E 51 -27.62 -21.20 21.32
N LEU E 52 -28.82 -20.74 21.71
CA LEU E 52 -29.28 -21.03 23.07
C LEU E 52 -29.42 -22.53 23.30
N GLU E 53 -30.07 -23.24 22.38
CA GLU E 53 -30.25 -24.67 22.60
C GLU E 53 -28.91 -25.38 22.72
N LEU E 54 -27.97 -25.07 21.82
CA LEU E 54 -26.69 -25.78 21.84
C LEU E 54 -25.88 -25.42 23.08
N THR E 55 -25.89 -24.13 23.47
CA THR E 55 -25.17 -23.69 24.65
C THR E 55 -25.69 -24.37 25.91
N LEU E 56 -27.03 -24.49 26.05
CA LEU E 56 -27.56 -25.17 27.21
C LEU E 56 -27.25 -26.66 27.20
N ARG E 57 -27.33 -27.29 26.01
CA ARG E 57 -27.03 -28.71 25.93
C ARG E 57 -25.57 -28.99 26.30
N SER E 58 -24.66 -28.04 26.00
CA SER E 58 -23.27 -28.20 26.41
C SER E 58 -23.04 -27.82 27.87
N TRP E 59 -23.79 -26.84 28.38
CA TRP E 59 -23.67 -26.46 29.78
C TRP E 59 -24.11 -27.59 30.70
N ASN E 60 -25.01 -28.46 30.23
CA ASN E 60 -25.33 -29.65 31.03
C ASN E 60 -24.08 -30.49 31.28
N HIS E 61 -23.23 -30.67 30.26
CA HIS E 61 -22.00 -31.43 30.44
C HIS E 61 -21.00 -30.67 31.30
N THR E 62 -20.93 -29.35 31.10
CA THR E 62 -20.07 -28.50 31.92
C THR E 62 -20.44 -28.64 33.39
N GLU E 63 -21.73 -28.67 33.70
CA GLU E 63 -22.18 -28.87 35.07
C GLU E 63 -21.88 -30.27 35.55
N GLU E 64 -22.00 -31.28 34.68
CA GLU E 64 -21.66 -32.63 35.12
C GLU E 64 -20.19 -32.75 35.50
N ASN E 65 -19.34 -31.84 35.02
CA ASN E 65 -17.96 -31.85 35.50
C ASN E 65 -17.70 -30.77 36.56
N LYS E 66 -18.75 -30.12 37.07
CA LYS E 66 -18.64 -29.08 38.09
C LYS E 66 -17.58 -28.05 37.71
N ARG E 67 -17.82 -27.40 36.57
CA ARG E 67 -16.95 -26.34 36.09
C ARG E 67 -17.80 -25.12 35.81
N ARG E 68 -17.18 -23.94 35.90
CA ARG E 68 -17.83 -22.69 35.60
C ARG E 68 -17.44 -22.15 34.23
N THR E 69 -16.73 -22.95 33.42
CA THR E 69 -16.24 -22.52 32.13
C THR E 69 -16.67 -23.53 31.08
N LEU E 70 -17.18 -23.04 29.96
CA LEU E 70 -17.63 -23.87 28.86
C LEU E 70 -16.48 -24.10 27.88
N GLN E 71 -16.10 -25.35 27.68
CA GLN E 71 -15.01 -25.69 26.79
C GLN E 71 -15.54 -26.43 25.57
N LYS E 72 -14.71 -26.48 24.52
CA LYS E 72 -15.16 -27.05 23.25
C LYS E 72 -15.65 -28.49 23.41
N ASN E 73 -14.99 -29.27 24.27
CA ASN E 73 -15.38 -30.67 24.43
C ASN E 73 -16.80 -30.79 24.96
N ASP E 74 -17.26 -29.80 25.72
CA ASP E 74 -18.67 -29.79 26.13
C ASP E 74 -19.58 -29.70 24.92
N ILE E 75 -19.24 -28.83 23.97
CA ILE E 75 -20.03 -28.70 22.74
C ILE E 75 -19.97 -29.98 21.93
N ALA E 76 -18.79 -30.63 21.90
CA ALA E 76 -18.68 -31.90 21.18
C ALA E 76 -19.59 -32.96 21.79
N ALA E 77 -19.60 -33.03 23.13
CA ALA E 77 -20.49 -33.98 23.81
C ALA E 77 -21.94 -33.68 23.52
N ALA E 78 -22.33 -32.40 23.59
CA ALA E 78 -23.71 -32.03 23.27
C ALA E 78 -24.08 -32.39 21.84
N VAL E 79 -23.13 -32.21 20.90
CA VAL E 79 -23.36 -32.57 19.51
C VAL E 79 -23.58 -34.08 19.38
N THR E 80 -22.72 -34.88 19.99
CA THR E 80 -22.84 -36.32 19.84
C THR E 80 -24.03 -36.88 20.63
N ARG E 81 -24.51 -36.15 21.62
CA ARG E 81 -25.63 -36.64 22.45
C ARG E 81 -26.94 -36.63 21.66
N THR E 82 -27.19 -35.57 20.89
CA THR E 82 -28.47 -35.36 20.23
C THR E 82 -28.33 -35.53 18.72
N ASP E 83 -29.29 -36.23 18.11
CA ASP E 83 -29.22 -36.48 16.67
C ASP E 83 -29.55 -35.23 15.85
N ILE E 84 -30.22 -34.24 16.45
CA ILE E 84 -30.59 -33.04 15.72
C ILE E 84 -29.34 -32.28 15.28
N PHE E 85 -28.23 -32.46 16.00
CA PHE E 85 -26.99 -31.73 15.73
C PHE E 85 -25.93 -32.61 15.09
N ASP E 86 -26.32 -33.66 14.35
CA ASP E 86 -25.33 -34.65 13.92
C ASP E 86 -24.44 -34.08 12.82
N PHE E 87 -24.99 -33.22 11.99
CA PHE E 87 -24.29 -32.68 10.83
C PHE E 87 -23.03 -31.95 11.27
N LEU E 88 -22.98 -31.61 12.55
CA LEU E 88 -21.86 -30.90 13.15
C LEU E 88 -20.73 -31.85 13.58
N VAL E 89 -20.95 -33.17 13.61
CA VAL E 89 -19.93 -34.08 14.12
C VAL E 89 -18.63 -33.94 13.34
N ASP E 90 -18.70 -33.54 12.06
CA ASP E 90 -17.49 -33.39 11.27
C ASP E 90 -16.70 -32.14 11.65
N ILE E 91 -17.32 -31.19 12.34
CA ILE E 91 -16.64 -29.95 12.68
C ILE E 91 -16.21 -29.92 14.14
N VAL E 92 -16.73 -30.81 14.97
CA VAL E 92 -16.40 -30.84 16.38
C VAL E 92 -15.48 -32.03 16.58
N PRO E 93 -14.28 -31.83 17.17
CA PRO E 93 -13.34 -32.94 17.26
C PRO E 93 -13.91 -34.05 18.13
N ARG E 94 -14.11 -35.22 17.51
CA ARG E 94 -14.73 -36.34 18.19
C ARG E 94 -13.64 -37.34 18.52
N MET E 121 -31.78 -43.19 6.62
CA MET E 121 -31.30 -43.18 5.23
C MET E 121 -31.52 -41.82 4.58
N ASP E 122 -32.54 -41.09 5.03
CA ASP E 122 -32.81 -39.77 4.46
C ASP E 122 -31.90 -38.73 5.07
N ARG E 123 -31.87 -38.67 6.40
CA ARG E 123 -31.03 -37.71 7.11
C ARG E 123 -29.58 -37.84 6.68
N GLU E 124 -29.12 -39.07 6.48
CA GLU E 124 -27.74 -39.30 6.04
C GLU E 124 -27.49 -38.70 4.67
N ALA E 125 -28.43 -38.90 3.74
CA ALA E 125 -28.26 -38.34 2.40
C ALA E 125 -28.26 -36.82 2.43
N ARG E 126 -29.13 -36.22 3.25
CA ARG E 126 -29.15 -34.76 3.36
C ARG E 126 -27.87 -34.23 3.99
N VAL E 127 -27.33 -34.93 4.98
CA VAL E 127 -26.07 -34.53 5.60
C VAL E 127 -24.92 -34.64 4.61
N LEU E 128 -24.90 -35.69 3.80
CA LEU E 128 -23.83 -35.83 2.82
C LEU E 128 -23.93 -34.78 1.74
N ARG E 129 -25.15 -34.47 1.32
CA ARG E 129 -25.34 -33.36 0.40
C ARG E 129 -24.81 -32.06 0.99
N TYR E 130 -25.06 -31.85 2.29
CA TYR E 130 -24.55 -30.66 2.98
C TYR E 130 -23.02 -30.64 3.02
N ARG E 131 -22.39 -31.77 3.30
CA ARG E 131 -20.92 -31.81 3.37
C ARG E 131 -20.31 -31.55 1.99
N GLU E 132 -20.81 -32.24 0.97
CA GLU E 132 -20.28 -32.05 -0.37
C GLU E 132 -20.48 -30.61 -0.82
N LYS E 133 -21.60 -30.00 -0.44
CA LYS E 133 -21.81 -28.59 -0.73
C LYS E 133 -20.87 -27.71 0.10
N ARG E 134 -20.49 -28.17 1.29
CA ARG E 134 -19.45 -27.47 2.05
C ARG E 134 -18.20 -27.34 1.19
N LYS E 135 -17.88 -28.40 0.44
CA LYS E 135 -16.73 -28.33 -0.45
C LYS E 135 -16.91 -27.27 -1.54
N THR E 136 -18.12 -27.10 -2.05
CA THR E 136 -18.43 -26.12 -3.10
C THR E 136 -19.06 -24.87 -2.51
N ARG E 137 -18.24 -23.91 -2.08
CA ARG E 137 -18.77 -22.65 -1.56
C ARG E 137 -17.93 -21.50 -2.10
N LYS E 138 -18.59 -20.51 -2.70
CA LYS E 138 -17.89 -19.36 -3.28
C LYS E 138 -18.23 -18.10 -2.49
N PHE E 139 -17.21 -17.50 -1.87
CA PHE E 139 -17.38 -16.26 -1.12
C PHE E 139 -16.95 -15.03 -1.89
N GLU E 140 -16.51 -15.20 -3.11
CA GLU E 140 -16.20 -14.06 -3.94
C GLU E 140 -17.49 -13.45 -4.45
N LYS E 141 -17.50 -12.12 -4.57
CA LYS E 141 -18.68 -11.43 -5.06
C LYS E 141 -18.96 -11.84 -6.51
N THR E 142 -20.03 -12.60 -6.73
CA THR E 142 -20.36 -13.06 -8.06
C THR E 142 -21.58 -12.31 -8.57
N ILE E 143 -21.51 -11.87 -9.83
CA ILE E 143 -22.61 -11.14 -10.45
C ILE E 143 -23.52 -12.13 -11.15
N ARG E 144 -24.82 -12.00 -10.90
CA ARG E 144 -25.84 -12.80 -11.57
C ARG E 144 -26.79 -11.97 -12.42
N TYR E 145 -27.08 -10.74 -12.02
CA TYR E 145 -28.02 -9.88 -12.75
C TYR E 145 -27.27 -8.62 -13.18
N ALA E 146 -26.43 -8.76 -14.21
CA ALA E 146 -25.57 -7.65 -14.64
C ALA E 146 -26.37 -6.44 -15.09
N SER E 147 -27.65 -6.59 -15.41
CA SER E 147 -28.47 -5.43 -15.77
C SER E 147 -28.61 -4.47 -14.60
N ARG E 148 -28.93 -5.02 -13.43
CA ARG E 148 -29.08 -4.18 -12.23
C ARG E 148 -27.76 -3.48 -11.91
N LYS E 149 -26.65 -4.20 -12.05
CA LYS E 149 -25.34 -3.60 -11.87
C LYS E 149 -25.14 -2.42 -12.83
N ALA E 150 -25.44 -2.63 -14.11
CA ALA E 150 -25.26 -1.58 -15.10
C ALA E 150 -26.10 -0.36 -14.74
N TYR E 151 -27.37 -0.57 -14.42
CA TYR E 151 -28.22 0.55 -14.03
C TYR E 151 -27.68 1.27 -12.79
N ALA E 152 -27.07 0.52 -11.87
CA ALA E 152 -26.57 1.18 -10.66
C ALA E 152 -25.33 2.01 -10.98
N GLU E 153 -24.50 1.49 -11.88
CA GLU E 153 -23.28 2.16 -12.21
C GLU E 153 -23.82 3.47 -12.72
N ILE E 154 -25.07 3.41 -13.18
CA ILE E 154 -25.64 4.58 -13.85
C ILE E 154 -26.49 5.43 -12.91
N ARG E 155 -27.16 4.79 -11.94
CA ARG E 155 -28.06 5.47 -11.02
C ARG E 155 -27.46 6.72 -10.40
N PRO E 156 -28.29 7.71 -10.02
CA PRO E 156 -27.75 8.90 -9.35
C PRO E 156 -27.53 8.58 -7.87
N ARG E 157 -26.32 8.86 -7.39
CA ARG E 157 -25.92 8.51 -6.04
C ARG E 157 -25.46 9.76 -5.29
N VAL E 158 -25.88 9.88 -4.04
CA VAL E 158 -25.37 10.92 -3.19
C VAL E 158 -24.77 10.31 -1.96
N ASN E 159 -23.55 10.70 -1.61
CA ASN E 159 -22.99 10.28 -0.35
C ASN E 159 -22.98 8.77 -0.34
N GLY E 160 -22.93 8.18 -1.53
CA GLY E 160 -22.96 6.74 -1.72
C GLY E 160 -24.36 6.21 -1.88
N ARG E 161 -25.36 6.97 -1.48
CA ARG E 161 -26.73 6.51 -1.59
C ARG E 161 -27.26 6.72 -2.99
N PHE E 162 -28.49 6.30 -3.23
CA PHE E 162 -29.13 6.56 -4.49
C PHE E 162 -29.99 7.84 -4.44
N ASN F 14 1.01 29.82 26.25
CA ASN F 14 -0.04 30.66 25.68
C ASN F 14 0.51 31.54 24.56
N HIS F 15 1.67 31.14 24.01
CA HIS F 15 2.32 31.94 22.99
C HIS F 15 1.70 31.68 21.62
N SER F 16 2.08 32.51 20.65
CA SER F 16 1.57 32.36 19.29
C SER F 16 2.23 31.18 18.59
N LEU F 17 3.55 31.24 18.40
CA LEU F 17 4.25 30.16 17.74
C LEU F 17 4.68 29.09 18.75
N PRO F 18 4.97 27.88 18.28
CA PRO F 18 5.44 26.83 19.20
C PRO F 18 6.90 27.03 19.53
N LEU F 19 7.23 26.86 20.81
CA LEU F 19 8.61 27.03 21.26
C LEU F 19 9.49 25.88 20.80
N ALA F 20 8.97 24.65 20.85
CA ALA F 20 9.74 23.49 20.44
C ALA F 20 10.20 23.60 18.99
N ARG F 21 9.38 24.22 18.13
CA ARG F 21 9.78 24.38 16.74
C ARG F 21 10.93 25.37 16.60
N ILE F 22 10.90 26.47 17.34
CA ILE F 22 12.03 27.40 17.30
C ILE F 22 13.30 26.71 17.77
N LYS F 23 13.19 25.91 18.83
CA LYS F 23 14.35 25.17 19.32
C LYS F 23 14.85 24.20 18.26
N LYS F 24 13.92 23.50 17.60
CA LYS F 24 14.27 22.56 16.54
C LYS F 24 15.01 23.25 15.41
N ILE F 25 14.53 24.41 14.98
CA ILE F 25 15.19 25.15 13.92
C ILE F 25 16.56 25.64 14.37
N MET F 26 16.68 26.04 15.63
CA MET F 26 17.97 26.51 16.15
C MET F 26 19.01 25.39 16.16
N LYS F 27 18.59 24.18 16.54
CA LYS F 27 19.52 23.06 16.60
C LYS F 27 20.19 22.75 15.26
N ALA F 28 19.68 23.28 14.15
CA ALA F 28 20.30 23.04 12.84
C ALA F 28 21.75 23.51 12.80
N ASP F 29 22.09 24.58 13.51
CA ASP F 29 23.47 25.02 13.58
C ASP F 29 24.28 24.03 14.41
N GLU F 30 25.38 23.55 13.84
CA GLU F 30 26.25 22.62 14.55
C GLU F 30 27.04 23.31 15.65
N ASP F 31 27.21 24.63 15.55
CA ASP F 31 27.89 25.44 16.55
C ASP F 31 27.00 25.73 17.75
N VAL F 32 25.96 24.92 17.96
CA VAL F 32 24.98 25.13 19.01
C VAL F 32 25.13 23.98 20.00
N ARG F 33 25.44 24.30 21.24
CA ARG F 33 25.53 23.23 22.23
C ARG F 33 24.40 23.29 23.25
N MET F 34 24.14 24.47 23.84
CA MET F 34 23.11 24.66 24.85
C MET F 34 22.24 25.87 24.51
N ILE F 35 20.94 25.76 24.79
CA ILE F 35 19.98 26.83 24.54
C ILE F 35 19.27 27.18 25.84
N SER F 36 19.36 28.44 26.26
CA SER F 36 18.66 28.90 27.44
C SER F 36 17.16 28.94 27.22
N ALA F 37 16.41 28.97 28.33
CA ALA F 37 14.96 29.04 28.24
C ALA F 37 14.46 30.40 27.80
N GLU F 38 15.26 31.47 27.96
CA GLU F 38 14.80 32.78 27.52
C GLU F 38 14.67 32.85 26.00
N ALA F 39 15.55 32.15 25.28
CA ALA F 39 15.78 32.32 23.85
C ALA F 39 14.59 31.90 22.96
N PRO F 40 13.94 30.77 23.21
CA PRO F 40 12.77 30.44 22.37
C PRO F 40 11.67 31.47 22.50
N VAL F 41 11.45 32.00 23.72
CA VAL F 41 10.44 33.03 23.91
C VAL F 41 10.87 34.32 23.20
N VAL F 42 12.17 34.60 23.22
CA VAL F 42 12.67 35.74 22.45
C VAL F 42 12.30 35.58 20.98
N PHE F 43 12.63 34.44 20.39
CA PHE F 43 12.35 34.29 18.95
C PHE F 43 10.84 34.29 18.67
N ALA F 44 10.04 33.74 19.57
CA ALA F 44 8.59 33.80 19.36
C ALA F 44 8.15 35.24 19.12
N ARG F 45 8.40 36.09 20.12
CA ARG F 45 7.96 37.47 19.95
C ARG F 45 8.76 38.23 18.91
N ALA F 46 10.02 37.86 18.67
CA ALA F 46 10.85 38.51 17.66
C ALA F 46 10.31 38.27 16.25
N CYS F 47 10.05 37.00 15.92
CA CYS F 47 9.47 36.70 14.63
C CYS F 47 8.09 37.33 14.49
N GLU F 48 7.28 37.32 15.55
CA GLU F 48 5.97 37.95 15.42
C GLU F 48 6.09 39.36 14.83
N MET F 49 6.99 40.15 15.40
CA MET F 49 7.25 41.50 14.89
C MET F 49 7.87 41.47 13.50
N PHE F 50 8.73 40.48 13.22
CA PHE F 50 9.35 40.38 11.89
C PHE F 50 8.29 40.10 10.81
N ILE F 51 7.43 39.13 11.07
CA ILE F 51 6.28 38.84 10.22
C ILE F 51 5.44 40.09 10.03
N LEU F 52 5.17 40.80 11.13
CA LEU F 52 4.32 41.98 11.04
C LEU F 52 4.92 43.02 10.09
N GLU F 53 6.19 43.37 10.31
CA GLU F 53 6.83 44.40 9.50
C GLU F 53 6.89 43.97 8.03
N LEU F 54 7.29 42.73 7.77
CA LEU F 54 7.45 42.30 6.38
C LEU F 54 6.10 42.22 5.67
N THR F 55 5.07 41.74 6.38
CA THR F 55 3.73 41.69 5.81
C THR F 55 3.23 43.08 5.45
N LEU F 56 3.49 44.07 6.31
CA LEU F 56 3.08 45.44 5.97
C LEU F 56 3.85 45.97 4.77
N ARG F 57 5.16 45.70 4.72
CA ARG F 57 5.97 46.16 3.61
C ARG F 57 5.50 45.55 2.30
N SER F 58 5.00 44.31 2.33
CA SER F 58 4.46 43.68 1.14
C SER F 58 3.06 44.14 0.81
N TRP F 59 2.25 44.45 1.83
CA TRP F 59 0.91 44.94 1.56
C TRP F 59 0.94 46.31 0.89
N ASN F 60 1.99 47.10 1.14
CA ASN F 60 2.15 48.33 0.37
C ASN F 60 2.20 48.03 -1.12
N HIS F 61 2.94 46.98 -1.51
CA HIS F 61 3.01 46.63 -2.93
C HIS F 61 1.70 46.02 -3.41
N THR F 62 1.00 45.27 -2.56
CA THR F 62 -0.30 44.76 -2.96
C THR F 62 -1.23 45.91 -3.33
N GLU F 63 -1.22 46.97 -2.53
CA GLU F 63 -2.05 48.13 -2.82
C GLU F 63 -1.57 48.88 -4.05
N GLU F 64 -0.25 48.92 -4.29
CA GLU F 64 0.23 49.57 -5.52
C GLU F 64 -0.20 48.84 -6.79
N ASN F 65 -0.58 47.58 -6.68
CA ASN F 65 -1.14 46.85 -7.82
C ASN F 65 -2.66 46.76 -7.77
N LYS F 66 -3.28 47.50 -6.85
CA LYS F 66 -4.73 47.54 -6.68
C LYS F 66 -5.31 46.12 -6.59
N ARG F 67 -4.83 45.38 -5.61
CA ARG F 67 -5.27 44.01 -5.39
C ARG F 67 -5.71 43.80 -3.95
N ARG F 68 -6.59 42.83 -3.76
CA ARG F 68 -7.07 42.43 -2.44
C ARG F 68 -6.38 41.16 -1.94
N THR F 69 -5.35 40.70 -2.65
CA THR F 69 -4.66 39.46 -2.32
C THR F 69 -3.16 39.71 -2.25
N LEU F 70 -2.51 39.13 -1.24
CA LEU F 70 -1.08 39.26 -1.06
C LEU F 70 -0.41 38.11 -1.82
N GLN F 71 0.43 38.47 -2.79
CA GLN F 71 1.09 37.50 -3.66
C GLN F 71 2.60 37.47 -3.40
N LYS F 72 3.24 36.40 -3.87
CA LYS F 72 4.65 36.17 -3.61
C LYS F 72 5.52 37.32 -4.13
N ASN F 73 5.20 37.85 -5.31
CA ASN F 73 5.99 38.92 -5.89
C ASN F 73 5.94 40.17 -5.05
N ASP F 74 4.82 40.39 -4.35
CA ASP F 74 4.74 41.48 -3.40
C ASP F 74 5.76 41.33 -2.28
N ILE F 75 5.91 40.12 -1.75
CA ILE F 75 6.92 39.89 -0.72
C ILE F 75 8.32 40.09 -1.28
N ALA F 76 8.55 39.65 -2.52
CA ALA F 76 9.87 39.87 -3.14
C ALA F 76 10.17 41.35 -3.29
N ALA F 77 9.18 42.12 -3.74
CA ALA F 77 9.35 43.56 -3.88
C ALA F 77 9.61 44.23 -2.54
N ALA F 78 8.84 43.84 -1.52
CA ALA F 78 9.08 44.37 -0.18
C ALA F 78 10.50 44.04 0.30
N VAL F 79 10.98 42.85 -0.06
CA VAL F 79 12.36 42.47 0.25
C VAL F 79 13.34 43.45 -0.38
N THR F 80 13.16 43.72 -1.68
CA THR F 80 14.09 44.59 -2.38
C THR F 80 13.93 46.06 -1.98
N ARG F 81 12.80 46.43 -1.37
CA ARG F 81 12.57 47.84 -1.03
C ARG F 81 13.52 48.34 0.04
N THR F 82 13.72 47.56 1.10
CA THR F 82 14.48 47.97 2.26
C THR F 82 15.76 47.17 2.40
N ASP F 83 16.83 47.86 2.78
CA ASP F 83 18.14 47.24 2.96
C ASP F 83 18.20 46.34 4.18
N ILE F 84 17.19 46.38 5.05
CA ILE F 84 17.20 45.58 6.27
C ILE F 84 17.24 44.10 5.93
N PHE F 85 16.65 43.71 4.79
CA PHE F 85 16.62 42.31 4.38
C PHE F 85 17.56 42.14 3.21
N ASP F 86 18.46 41.33 3.46
CA ASP F 86 19.36 41.03 2.35
C ASP F 86 19.84 39.59 2.37
N PHE F 87 19.82 38.94 3.52
CA PHE F 87 20.24 37.56 3.57
C PHE F 87 19.30 36.79 2.66
N LEU F 88 18.06 37.23 2.73
CA LEU F 88 16.89 36.52 2.29
C LEU F 88 16.83 36.23 0.83
N VAL F 89 17.48 37.08 0.06
CA VAL F 89 17.14 37.27 -1.31
C VAL F 89 17.25 36.00 -2.13
N ASP F 90 18.28 35.21 -1.97
CA ASP F 90 18.51 34.16 -2.96
C ASP F 90 17.32 33.24 -3.01
N ILE F 91 16.54 33.29 -1.95
CA ILE F 91 15.24 32.64 -1.87
C ILE F 91 14.18 33.13 -2.85
N VAL F 92 14.14 34.43 -3.11
CA VAL F 92 13.01 35.03 -3.82
C VAL F 92 13.38 35.22 -5.29
N PRO F 93 13.25 34.19 -6.13
CA PRO F 93 13.69 34.32 -7.53
C PRO F 93 12.89 35.31 -8.34
N ARG F 94 11.71 35.71 -7.87
CA ARG F 94 10.85 36.70 -8.54
C ARG F 94 10.62 36.37 -10.01
N MET F 121 31.79 46.43 4.68
CA MET F 121 32.35 45.14 4.29
C MET F 121 31.99 44.08 5.32
N ASP F 122 31.33 44.52 6.40
CA ASP F 122 30.95 43.60 7.46
C ASP F 122 29.66 42.87 7.14
N ARG F 123 28.60 43.61 6.82
CA ARG F 123 27.31 43.01 6.52
C ARG F 123 27.41 41.99 5.40
N GLU F 124 28.23 42.28 4.39
CA GLU F 124 28.39 41.37 3.26
C GLU F 124 29.02 40.05 3.69
N ALA F 125 30.08 40.13 4.50
CA ALA F 125 30.76 38.93 4.97
C ALA F 125 29.86 38.10 5.88
N ARG F 126 29.08 38.76 6.74
CA ARG F 126 28.18 38.01 7.62
C ARG F 126 27.07 37.35 6.81
N VAL F 127 26.60 38.02 5.74
CA VAL F 127 25.60 37.40 4.86
C VAL F 127 26.19 36.18 4.17
N LEU F 128 27.47 36.26 3.76
CA LEU F 128 28.09 35.11 3.12
C LEU F 128 28.30 33.96 4.11
N ARG F 129 28.67 34.27 5.36
CA ARG F 129 28.76 33.24 6.38
C ARG F 129 27.41 32.54 6.57
N TYR F 130 26.33 33.32 6.61
CA TYR F 130 25.01 32.75 6.75
C TYR F 130 24.63 31.87 5.55
N ARG F 131 24.91 32.36 4.34
CA ARG F 131 24.56 31.58 3.15
C ARG F 131 25.31 30.26 3.12
N GLU F 132 26.62 30.30 3.39
CA GLU F 132 27.40 29.07 3.40
C GLU F 132 26.95 28.12 4.51
N LYS F 133 26.59 28.64 5.68
CA LYS F 133 26.10 27.79 6.76
C LYS F 133 24.73 27.20 6.45
N ARG F 134 23.93 27.88 5.62
CA ARG F 134 22.63 27.33 5.23
C ARG F 134 22.78 25.93 4.63
N LYS F 135 23.82 25.72 3.83
CA LYS F 135 24.06 24.41 3.23
C LYS F 135 24.32 23.35 4.30
N THR F 136 25.04 23.72 5.36
CA THR F 136 25.35 22.80 6.45
C THR F 136 24.36 23.00 7.58
N ARG F 137 23.23 22.29 7.47
CA ARG F 137 22.18 22.31 8.48
C ARG F 137 21.69 20.88 8.66
N LYS F 138 21.74 20.38 9.89
CA LYS F 138 21.32 19.01 10.19
C LYS F 138 20.04 19.08 11.00
N PHE F 139 18.96 18.54 10.44
CA PHE F 139 17.66 18.58 11.11
C PHE F 139 17.25 17.25 11.73
N GLU F 140 18.04 16.19 11.59
CA GLU F 140 17.73 14.96 12.27
C GLU F 140 18.14 15.06 13.73
N LYS F 141 17.40 14.38 14.60
CA LYS F 141 17.75 14.39 16.03
C LYS F 141 19.12 13.76 16.22
N THR F 142 20.10 14.58 16.57
CA THR F 142 21.49 14.18 16.74
C THR F 142 21.85 14.18 18.21
N ILE F 143 22.66 13.21 18.62
CA ILE F 143 23.07 13.07 20.01
C ILE F 143 24.29 13.94 20.27
N ARG F 144 24.24 14.72 21.35
CA ARG F 144 25.36 15.53 21.78
C ARG F 144 25.91 15.09 23.12
N TYR F 145 25.02 14.72 24.06
CA TYR F 145 25.34 14.31 25.41
C TYR F 145 24.62 12.98 25.70
N ALA F 146 25.13 11.87 25.16
CA ALA F 146 24.48 10.56 25.29
C ALA F 146 24.26 10.22 26.76
N SER F 147 24.93 10.99 27.60
CA SER F 147 24.90 10.90 29.06
C SER F 147 23.49 11.03 29.58
N ARG F 148 22.85 12.16 29.25
CA ARG F 148 21.49 12.40 29.73
C ARG F 148 20.57 11.29 29.25
N LYS F 149 20.82 10.75 28.04
CA LYS F 149 20.04 9.59 27.61
C LYS F 149 20.15 8.45 28.62
N ALA F 150 21.38 8.04 28.96
CA ALA F 150 21.45 6.91 29.90
C ALA F 150 20.93 7.25 31.31
N TYR F 151 21.40 8.34 31.91
CA TYR F 151 20.99 8.63 33.28
C TYR F 151 19.48 8.82 33.34
N ALA F 152 18.93 9.42 32.29
CA ALA F 152 17.55 9.89 32.24
C ALA F 152 16.52 8.83 31.87
N GLU F 153 16.87 7.92 30.97
CA GLU F 153 15.86 7.00 30.48
C GLU F 153 15.33 6.27 31.70
N ILE F 154 16.22 6.06 32.66
CA ILE F 154 15.92 5.34 33.85
C ILE F 154 14.82 6.04 34.62
N ARG F 155 14.89 7.36 34.60
CA ARG F 155 14.32 8.17 35.63
C ARG F 155 12.84 7.83 35.75
N PRO F 156 12.32 7.83 36.97
CA PRO F 156 10.93 7.40 37.21
C PRO F 156 9.95 8.19 36.35
N HIS G 15 18.07 6.75 -33.65
CA HIS G 15 17.59 5.41 -33.32
C HIS G 15 18.33 4.88 -32.09
N SER G 16 18.97 5.79 -31.35
CA SER G 16 19.66 5.41 -30.12
C SER G 16 18.66 5.13 -29.01
N LEU G 17 17.82 6.10 -28.69
CA LEU G 17 16.83 5.96 -27.64
C LEU G 17 15.59 5.24 -28.17
N PRO G 18 14.74 4.70 -27.29
CA PRO G 18 13.55 4.00 -27.77
C PRO G 18 12.47 4.96 -28.21
N LEU G 19 11.87 4.66 -29.37
CA LEU G 19 10.84 5.52 -29.94
C LEU G 19 9.50 5.37 -29.23
N ALA G 20 9.12 4.14 -28.87
CA ALA G 20 7.84 3.91 -28.22
C ALA G 20 7.72 4.70 -26.91
N ARG G 21 8.84 4.89 -26.20
CA ARG G 21 8.78 5.64 -24.95
C ARG G 21 8.44 7.10 -25.20
N ILE G 22 9.07 7.70 -26.21
CA ILE G 22 8.76 9.08 -26.58
C ILE G 22 7.31 9.18 -27.04
N LYS G 23 6.84 8.18 -27.81
CA LYS G 23 5.46 8.21 -28.28
C LYS G 23 4.47 8.18 -27.12
N LYS G 24 4.69 7.28 -26.15
CA LYS G 24 3.80 7.25 -24.99
C LYS G 24 3.87 8.56 -24.20
N ILE G 25 5.08 9.12 -24.06
CA ILE G 25 5.22 10.37 -23.31
C ILE G 25 4.43 11.49 -23.98
N MET G 26 4.46 11.54 -25.31
CA MET G 26 3.68 12.54 -26.04
C MET G 26 2.18 12.28 -25.89
N LYS G 27 1.75 11.03 -26.01
CA LYS G 27 0.32 10.71 -25.91
C LYS G 27 -0.25 11.08 -24.55
N ALA G 28 0.60 11.31 -23.54
CA ALA G 28 0.11 11.75 -22.23
C ALA G 28 -0.60 13.08 -22.31
N ASP G 29 -0.16 13.97 -23.20
CA ASP G 29 -0.81 15.26 -23.39
C ASP G 29 -2.18 15.07 -24.02
N GLU G 30 -3.21 15.64 -23.39
CA GLU G 30 -4.57 15.49 -23.89
C GLU G 30 -4.83 16.31 -25.16
N ASP G 31 -4.06 17.38 -25.39
CA ASP G 31 -4.20 18.20 -26.60
C ASP G 31 -3.46 17.61 -27.80
N VAL G 32 -3.10 16.33 -27.76
CA VAL G 32 -2.38 15.66 -28.83
C VAL G 32 -3.24 14.54 -29.37
N ARG G 33 -3.54 14.57 -30.66
CA ARG G 33 -4.30 13.51 -31.31
C ARG G 33 -3.46 12.67 -32.27
N MET G 34 -2.73 13.29 -33.19
CA MET G 34 -1.94 12.55 -34.17
C MET G 34 -0.49 12.98 -34.07
N ILE G 35 0.41 12.00 -34.09
CA ILE G 35 1.84 12.23 -34.02
C ILE G 35 2.48 11.60 -35.25
N SER G 36 3.13 12.41 -36.06
CA SER G 36 3.83 11.88 -37.23
C SER G 36 5.04 11.06 -36.79
N ALA G 37 5.53 10.25 -37.74
CA ALA G 37 6.74 9.47 -37.47
C ALA G 37 7.96 10.37 -37.40
N GLU G 38 7.87 11.58 -37.95
CA GLU G 38 8.99 12.52 -37.89
C GLU G 38 9.28 12.94 -36.45
N ALA G 39 8.24 13.01 -35.61
CA ALA G 39 8.42 13.62 -34.29
C ALA G 39 9.28 12.78 -33.37
N PRO G 40 9.08 11.46 -33.22
CA PRO G 40 9.99 10.68 -32.37
C PRO G 40 11.41 10.67 -32.89
N VAL G 41 11.60 10.65 -34.21
CA VAL G 41 12.95 10.63 -34.77
C VAL G 41 13.65 11.95 -34.48
N VAL G 42 12.94 13.07 -34.57
CA VAL G 42 13.52 14.36 -34.19
C VAL G 42 13.89 14.36 -32.71
N PHE G 43 12.92 13.99 -31.87
CA PHE G 43 13.13 14.06 -30.42
C PHE G 43 14.25 13.15 -29.95
N ALA G 44 14.46 11.99 -30.59
CA ALA G 44 15.56 11.12 -30.19
C ALA G 44 16.89 11.87 -30.15
N ARG G 45 17.32 12.40 -31.30
CA ARG G 45 18.60 13.10 -31.36
C ARG G 45 18.55 14.45 -30.64
N ALA G 46 17.38 15.09 -30.58
CA ALA G 46 17.27 16.35 -29.85
C ALA G 46 17.54 16.12 -28.38
N CYS G 47 16.87 15.13 -27.78
CA CYS G 47 17.09 14.77 -26.39
C CYS G 47 18.53 14.32 -26.18
N GLU G 48 19.10 13.55 -27.11
CA GLU G 48 20.49 13.14 -26.97
C GLU G 48 21.42 14.34 -26.79
N MET G 49 21.33 15.30 -27.72
CA MET G 49 22.20 16.48 -27.61
C MET G 49 21.87 17.32 -26.38
N PHE G 50 20.60 17.36 -25.99
CA PHE G 50 20.21 18.07 -24.77
C PHE G 50 20.85 17.44 -23.54
N ILE G 51 20.79 16.11 -23.45
CA ILE G 51 21.46 15.37 -22.38
C ILE G 51 22.93 15.75 -22.33
N LEU G 52 23.58 15.74 -23.49
CA LEU G 52 25.02 16.02 -23.52
C LEU G 52 25.33 17.41 -22.99
N GLU G 53 24.65 18.43 -23.53
CA GLU G 53 24.94 19.80 -23.11
C GLU G 53 24.67 20.01 -21.63
N LEU G 54 23.52 19.52 -21.13
CA LEU G 54 23.18 19.76 -19.73
C LEU G 54 24.11 18.98 -18.80
N THR G 55 24.47 17.75 -19.17
CA THR G 55 25.40 16.98 -18.36
C THR G 55 26.74 17.69 -18.24
N LEU G 56 27.23 18.27 -19.35
CA LEU G 56 28.49 19.02 -19.26
C LEU G 56 28.33 20.29 -18.44
N ARG G 57 27.18 20.99 -18.56
CA ARG G 57 26.99 22.19 -17.76
C ARG G 57 26.94 21.89 -16.28
N SER G 58 26.43 20.72 -15.88
CA SER G 58 26.46 20.34 -14.47
C SER G 58 27.84 19.83 -14.05
N TRP G 59 28.54 19.18 -14.98
CA TRP G 59 29.90 18.73 -14.70
C TRP G 59 30.84 19.91 -14.48
N ASN G 60 30.57 21.04 -15.12
CA ASN G 60 31.34 22.25 -14.84
C ASN G 60 31.24 22.62 -13.37
N HIS G 61 30.04 22.51 -12.80
CA HIS G 61 29.84 22.83 -11.39
C HIS G 61 30.51 21.78 -10.50
N THR G 62 30.48 20.51 -10.92
CA THR G 62 31.19 19.49 -10.15
C THR G 62 32.70 19.75 -10.14
N GLU G 63 33.27 20.12 -11.29
CA GLU G 63 34.71 20.34 -11.37
C GLU G 63 35.13 21.60 -10.62
N GLU G 64 34.30 22.66 -10.63
CA GLU G 64 34.67 23.83 -9.84
C GLU G 64 34.65 23.53 -8.34
N ASN G 65 33.99 22.45 -7.92
CA ASN G 65 34.05 21.98 -6.55
C ASN G 65 35.01 20.80 -6.40
N LYS G 66 35.77 20.49 -7.44
CA LYS G 66 36.72 19.37 -7.46
C LYS G 66 36.04 18.07 -7.02
N ARG G 67 35.04 17.67 -7.81
CA ARG G 67 34.29 16.45 -7.55
C ARG G 67 34.30 15.58 -8.80
N ARG G 68 34.22 14.26 -8.60
CA ARG G 68 34.12 13.30 -9.67
C ARG G 68 32.70 12.75 -9.81
N THR G 69 31.75 13.31 -9.08
CA THR G 69 30.37 12.83 -9.04
C THR G 69 29.41 13.99 -9.27
N LEU G 70 28.36 13.73 -10.04
CA LEU G 70 27.34 14.72 -10.33
C LEU G 70 26.30 14.66 -9.23
N GLN G 71 26.07 15.78 -8.55
CA GLN G 71 25.19 15.83 -7.39
C GLN G 71 23.91 16.56 -7.75
N LYS G 72 22.88 16.36 -6.92
CA LYS G 72 21.59 16.98 -7.22
C LYS G 72 21.72 18.49 -7.28
N ASN G 73 22.49 19.07 -6.36
CA ASN G 73 22.72 20.52 -6.39
C ASN G 73 23.56 20.94 -7.58
N ASP G 74 24.41 20.06 -8.10
CA ASP G 74 25.16 20.39 -9.31
C ASP G 74 24.22 20.65 -10.48
N ILE G 75 23.27 19.72 -10.70
CA ILE G 75 22.26 19.91 -11.73
C ILE G 75 21.33 21.05 -11.37
N ALA G 76 21.06 21.23 -10.07
CA ALA G 76 20.20 22.33 -9.62
C ALA G 76 20.80 23.67 -10.01
N ALA G 77 22.11 23.82 -9.79
CA ALA G 77 22.79 25.05 -10.20
C ALA G 77 22.77 25.18 -11.72
N ALA G 78 23.08 24.09 -12.43
CA ALA G 78 23.05 24.14 -13.90
C ALA G 78 21.68 24.59 -14.40
N VAL G 79 20.60 24.14 -13.74
CA VAL G 79 19.27 24.62 -14.05
C VAL G 79 19.17 26.11 -13.72
N THR G 80 19.65 26.48 -12.54
CA THR G 80 19.61 27.86 -12.06
C THR G 80 20.65 28.75 -12.74
N ARG G 81 21.69 28.10 -13.25
CA ARG G 81 22.79 28.74 -13.91
C ARG G 81 22.31 29.44 -15.16
N THR G 82 21.37 28.80 -15.84
CA THR G 82 20.75 29.35 -17.04
C THR G 82 19.25 29.29 -16.80
N ASP G 83 18.50 30.26 -17.30
CA ASP G 83 17.03 30.22 -17.20
C ASP G 83 16.47 29.15 -18.10
N ILE G 84 17.28 28.69 -19.03
CA ILE G 84 16.71 27.81 -20.09
C ILE G 84 15.90 26.68 -19.46
N PHE G 85 16.01 26.47 -18.15
CA PHE G 85 15.26 25.34 -17.54
C PHE G 85 14.36 25.85 -16.41
N ASP G 86 13.84 27.06 -16.56
CA ASP G 86 13.02 27.63 -15.48
C ASP G 86 11.79 26.81 -15.23
N PHE G 87 11.31 26.09 -16.23
CA PHE G 87 10.21 25.18 -15.94
C PHE G 87 10.67 24.07 -15.00
N LEU G 88 11.98 23.82 -14.92
CA LEU G 88 12.49 22.74 -14.08
C LEU G 88 12.66 23.12 -12.61
N VAL G 89 12.62 24.40 -12.26
CA VAL G 89 12.86 24.77 -10.87
C VAL G 89 11.83 24.14 -9.96
N ASP G 90 10.65 23.79 -10.51
CA ASP G 90 9.57 23.21 -9.71
C ASP G 90 9.87 21.77 -9.29
N ILE G 91 10.80 21.08 -9.95
CA ILE G 91 11.08 19.68 -9.58
C ILE G 91 12.36 19.55 -8.76
N VAL G 92 13.15 20.60 -8.62
CA VAL G 92 14.43 20.55 -7.92
C VAL G 92 14.28 21.28 -6.60
N PRO G 93 14.48 20.60 -5.45
CA PRO G 93 14.30 21.15 -4.10
C PRO G 93 15.31 22.25 -3.77
N MET G 121 6.64 39.06 -19.77
CA MET G 121 6.10 37.90 -19.03
C MET G 121 5.63 36.83 -20.04
N ASP G 122 5.90 37.05 -21.33
CA ASP G 122 5.48 36.10 -22.40
C ASP G 122 5.95 34.69 -22.02
N ARG G 123 7.23 34.56 -21.70
CA ARG G 123 7.78 33.23 -21.34
C ARG G 123 7.26 32.82 -19.97
N GLU G 124 7.40 33.66 -18.93
CA GLU G 124 6.90 33.22 -17.64
C GLU G 124 5.52 32.60 -17.77
N ALA G 125 4.62 33.25 -18.51
CA ALA G 125 3.28 32.71 -18.69
C ALA G 125 3.30 31.40 -19.46
N ARG G 126 4.18 31.29 -20.46
CA ARG G 126 4.24 30.04 -21.22
C ARG G 126 4.76 28.90 -20.34
N VAL G 127 5.75 29.18 -19.47
CA VAL G 127 6.28 28.16 -18.57
C VAL G 127 5.22 27.73 -17.55
N LEU G 128 4.45 28.70 -17.04
CA LEU G 128 3.43 28.35 -16.07
C LEU G 128 2.31 27.53 -16.70
N ARG G 129 2.01 27.84 -17.96
CA ARG G 129 1.06 27.08 -18.73
C ARG G 129 1.57 25.65 -18.85
N TYR G 130 2.89 25.51 -19.05
CA TYR G 130 3.47 24.17 -19.13
C TYR G 130 3.22 23.39 -17.85
N ARG G 131 3.40 24.03 -16.70
CA ARG G 131 3.11 23.34 -15.44
C ARG G 131 1.64 22.94 -15.35
N GLU G 132 0.76 23.85 -15.80
CA GLU G 132 -0.67 23.54 -15.83
C GLU G 132 -0.96 22.32 -16.68
N LYS G 133 -0.21 22.17 -17.79
CA LYS G 133 -0.36 20.96 -18.61
C LYS G 133 0.18 19.74 -17.88
N ARG G 134 1.22 19.93 -17.06
CA ARG G 134 1.74 18.84 -16.24
C ARG G 134 0.66 18.28 -15.32
N LYS G 135 -0.16 19.14 -14.73
CA LYS G 135 -1.20 18.64 -13.83
C LYS G 135 -2.17 17.73 -14.55
N THR G 136 -2.55 18.09 -15.78
CA THR G 136 -3.44 17.26 -16.60
C THR G 136 -2.60 16.47 -17.59
N ARG G 137 -2.12 15.31 -17.13
CA ARG G 137 -1.37 14.38 -17.96
C ARG G 137 -1.95 13.01 -17.71
N LYS G 138 -2.43 12.37 -18.76
CA LYS G 138 -3.13 11.09 -18.65
C LYS G 138 -2.30 10.00 -19.33
N PHE G 139 -1.90 9.01 -18.55
CA PHE G 139 -1.17 7.86 -19.06
C PHE G 139 -2.08 6.65 -19.25
N GLU G 140 -3.39 6.84 -19.07
CA GLU G 140 -4.36 5.78 -19.30
C GLU G 140 -4.48 5.50 -20.79
N LYS G 141 -4.71 4.22 -21.12
CA LYS G 141 -4.95 3.87 -22.50
C LYS G 141 -6.24 4.52 -22.97
N THR G 142 -6.14 5.57 -23.77
CA THR G 142 -7.30 6.26 -24.29
C THR G 142 -7.38 6.02 -25.79
N ILE G 143 -8.57 5.68 -26.26
CA ILE G 143 -8.81 5.49 -27.69
C ILE G 143 -9.25 6.81 -28.27
N ARG G 144 -8.68 7.19 -29.41
CA ARG G 144 -9.04 8.42 -30.09
C ARG G 144 -9.79 8.17 -31.36
N TYR G 145 -9.41 7.13 -32.09
CA TYR G 145 -10.01 6.76 -33.36
C TYR G 145 -10.47 5.32 -33.26
N ALA G 146 -11.57 5.10 -32.53
CA ALA G 146 -12.02 3.75 -32.26
C ALA G 146 -12.29 2.96 -33.53
N SER G 147 -12.44 3.65 -34.66
CA SER G 147 -12.60 2.96 -35.93
C SER G 147 -11.35 2.14 -36.23
N ARG G 148 -10.16 2.75 -36.10
CA ARG G 148 -8.91 2.04 -36.36
C ARG G 148 -8.74 0.83 -35.45
N LYS G 149 -9.08 0.96 -34.16
CA LYS G 149 -9.08 -0.22 -33.30
C LYS G 149 -10.01 -1.29 -33.86
N ALA G 150 -11.22 -0.90 -34.27
CA ALA G 150 -12.15 -1.88 -34.82
C ALA G 150 -11.54 -2.60 -36.03
N TYR G 151 -10.87 -1.87 -36.92
CA TYR G 151 -10.29 -2.54 -38.08
C TYR G 151 -9.19 -3.47 -37.63
N ALA G 152 -8.46 -3.07 -36.59
CA ALA G 152 -7.33 -3.83 -36.12
C ALA G 152 -7.77 -5.12 -35.46
N GLU G 153 -8.94 -5.11 -34.83
CA GLU G 153 -9.52 -6.32 -34.28
C GLU G 153 -9.75 -7.39 -35.36
N ILE G 154 -9.89 -6.98 -36.61
CA ILE G 154 -10.24 -7.86 -37.73
C ILE G 154 -9.12 -7.97 -38.80
N ARG G 155 -7.93 -7.40 -38.59
CA ARG G 155 -6.86 -7.58 -39.57
C ARG G 155 -6.18 -8.93 -39.37
N PRO G 156 -5.48 -9.46 -40.40
CA PRO G 156 -4.82 -10.77 -40.26
C PRO G 156 -3.51 -10.70 -39.49
N ARG G 157 -3.31 -11.65 -38.58
CA ARG G 157 -2.16 -11.61 -37.68
C ARG G 157 -1.28 -12.84 -37.83
N VAL G 158 -0.03 -12.64 -38.25
CA VAL G 158 1.01 -13.66 -38.29
C VAL G 158 2.19 -13.18 -37.46
N ASN G 159 2.56 -13.94 -36.44
CA ASN G 159 3.65 -13.57 -35.52
C ASN G 159 3.41 -12.22 -34.87
N GLY G 160 2.14 -11.88 -34.62
CA GLY G 160 1.77 -10.57 -34.14
C GLY G 160 1.75 -9.50 -35.21
N ARG G 161 2.44 -9.72 -36.33
CA ARG G 161 2.46 -8.78 -37.43
C ARG G 161 1.21 -8.97 -38.31
N PHE G 162 0.84 -7.91 -39.01
CA PHE G 162 -0.34 -7.93 -39.87
C PHE G 162 -0.08 -8.73 -41.15
N ASP H 6 -14.31 -13.49 7.86
CA ASP H 6 -15.39 -12.94 7.06
C ASP H 6 -16.35 -14.03 6.58
N ARG H 7 -15.94 -15.29 6.74
CA ARG H 7 -16.72 -16.44 6.31
C ARG H 7 -17.60 -17.00 7.43
N PHE H 8 -17.57 -16.38 8.61
CA PHE H 8 -18.34 -16.78 9.77
C PHE H 8 -19.05 -15.55 10.35
N LEU H 9 -19.96 -15.79 11.28
CA LEU H 9 -20.62 -14.69 11.96
C LEU H 9 -19.65 -14.01 12.92
N PRO H 10 -19.87 -12.73 13.22
CA PRO H 10 -19.00 -12.02 14.18
C PRO H 10 -19.02 -12.67 15.56
N ILE H 11 -17.87 -12.66 16.23
CA ILE H 11 -17.72 -13.41 17.46
C ILE H 11 -18.34 -12.69 18.65
N ALA H 12 -18.32 -11.35 18.64
CA ALA H 12 -18.89 -10.60 19.76
C ALA H 12 -20.38 -10.87 19.91
N ASN H 13 -21.12 -10.85 18.80
CA ASN H 13 -22.57 -11.05 18.88
C ASN H 13 -22.89 -12.48 19.30
N VAL H 14 -22.20 -13.46 18.72
CA VAL H 14 -22.39 -14.85 19.11
C VAL H 14 -22.14 -15.02 20.60
N SER H 15 -21.02 -14.46 21.09
CA SER H 15 -20.67 -14.59 22.50
C SER H 15 -21.72 -13.94 23.39
N ARG H 16 -22.25 -12.79 22.99
CA ARG H 16 -23.31 -12.15 23.78
C ARG H 16 -24.55 -13.03 23.83
N ILE H 17 -24.88 -13.67 22.72
CA ILE H 17 -26.03 -14.57 22.68
C ILE H 17 -25.80 -15.75 23.62
N MET H 18 -24.59 -16.34 23.58
CA MET H 18 -24.27 -17.43 24.49
C MET H 18 -24.35 -16.99 25.95
N LYS H 19 -23.83 -15.80 26.25
CA LYS H 19 -23.85 -15.31 27.62
C LYS H 19 -25.27 -15.15 28.13
N LYS H 20 -26.17 -14.57 27.32
CA LYS H 20 -27.53 -14.40 27.79
C LYS H 20 -28.17 -15.73 28.19
N ALA H 21 -27.67 -16.84 27.63
CA ALA H 21 -28.14 -18.18 27.95
C ALA H 21 -27.51 -18.77 29.21
N LEU H 22 -26.53 -18.10 29.80
CA LEU H 22 -25.73 -18.67 30.87
C LEU H 22 -25.85 -17.85 32.14
N PRO H 23 -25.60 -18.46 33.31
CA PRO H 23 -25.64 -17.70 34.56
C PRO H 23 -24.53 -16.67 34.63
N ALA H 24 -24.67 -15.75 35.59
CA ALA H 24 -23.72 -14.64 35.70
C ALA H 24 -22.34 -15.11 36.12
N ASN H 25 -22.25 -16.17 36.93
CA ASN H 25 -20.95 -16.66 37.36
C ASN H 25 -20.19 -17.37 36.24
N ALA H 26 -20.87 -17.70 35.15
CA ALA H 26 -20.25 -18.51 34.10
C ALA H 26 -19.27 -17.69 33.28
N LYS H 27 -18.33 -18.41 32.66
CA LYS H 27 -17.31 -17.85 31.78
C LYS H 27 -17.23 -18.74 30.56
N ILE H 28 -16.79 -18.20 29.43
CA ILE H 28 -16.81 -18.94 28.17
C ILE H 28 -15.41 -18.95 27.58
N SER H 29 -14.89 -20.14 27.32
CA SER H 29 -13.58 -20.29 26.71
C SER H 29 -13.59 -19.78 25.27
N LYS H 30 -12.41 -19.36 24.81
CA LYS H 30 -12.29 -18.87 23.45
C LYS H 30 -12.53 -19.99 22.44
N ASP H 31 -12.05 -21.20 22.73
CA ASP H 31 -12.35 -22.33 21.87
C ASP H 31 -13.85 -22.55 21.75
N ALA H 32 -14.58 -22.38 22.86
CA ALA H 32 -16.03 -22.55 22.82
C ALA H 32 -16.70 -21.49 21.96
N LYS H 33 -16.27 -20.23 22.05
CA LYS H 33 -16.86 -19.18 21.21
C LYS H 33 -16.59 -19.44 19.73
N GLU H 34 -15.34 -19.78 19.40
CA GLU H 34 -15.03 -20.07 18.00
C GLU H 34 -15.81 -21.28 17.48
N THR H 35 -15.89 -22.34 18.29
CA THR H 35 -16.65 -23.52 17.89
C THR H 35 -18.12 -23.19 17.70
N MET H 36 -18.68 -22.35 18.57
CA MET H 36 -20.09 -21.98 18.43
C MET H 36 -20.33 -21.19 17.16
N GLN H 37 -19.45 -20.23 16.85
CA GLN H 37 -19.62 -19.46 15.62
C GLN H 37 -19.52 -20.35 14.40
N GLU H 38 -18.58 -21.32 14.41
CA GLU H 38 -18.49 -22.25 13.31
C GLU H 38 -19.77 -23.08 13.18
N CYS H 39 -20.31 -23.53 14.31
CA CYS H 39 -21.52 -24.33 14.29
C CYS H 39 -22.69 -23.55 13.71
N VAL H 40 -22.80 -22.28 14.08
CA VAL H 40 -23.94 -21.49 13.64
C VAL H 40 -23.83 -21.15 12.16
N SER H 41 -22.63 -20.80 11.70
CA SER H 41 -22.49 -20.52 10.26
C SER H 41 -22.81 -21.76 9.45
N GLU H 42 -22.41 -22.92 9.93
CA GLU H 42 -22.68 -24.16 9.24
C GLU H 42 -24.17 -24.51 9.28
N PHE H 43 -24.85 -24.17 10.38
CA PHE H 43 -26.30 -24.35 10.43
C PHE H 43 -27.01 -23.46 9.43
N ILE H 44 -26.56 -22.21 9.29
CA ILE H 44 -27.14 -21.33 8.28
C ILE H 44 -27.03 -21.97 6.90
N SER H 45 -25.82 -22.40 6.54
CA SER H 45 -25.68 -22.98 5.21
C SER H 45 -26.45 -24.29 5.05
N PHE H 46 -26.55 -25.08 6.12
CA PHE H 46 -27.34 -26.32 6.07
C PHE H 46 -28.79 -26.05 5.69
N VAL H 47 -29.45 -25.19 6.48
CA VAL H 47 -30.86 -24.89 6.21
C VAL H 47 -31.02 -24.19 4.87
N THR H 48 -30.06 -23.33 4.51
CA THR H 48 -30.18 -22.61 3.25
C THR H 48 -30.08 -23.56 2.06
N GLY H 49 -29.16 -24.53 2.11
CA GLY H 49 -29.09 -25.51 1.04
C GLY H 49 -30.36 -26.33 0.90
N GLU H 50 -30.94 -26.73 2.05
CA GLU H 50 -32.16 -27.53 1.95
C GLU H 50 -33.31 -26.68 1.39
N ALA H 51 -33.43 -25.43 1.84
CA ALA H 51 -34.48 -24.55 1.31
C ALA H 51 -34.28 -24.29 -0.17
N SER H 52 -33.03 -24.14 -0.61
CA SER H 52 -32.74 -23.92 -2.02
C SER H 52 -33.15 -25.13 -2.85
N ASP H 53 -32.95 -26.34 -2.32
CA ASP H 53 -33.44 -27.54 -3.02
C ASP H 53 -34.94 -27.52 -3.16
N LYS H 54 -35.64 -27.17 -2.08
CA LYS H 54 -37.08 -27.11 -2.15
C LYS H 54 -37.51 -26.11 -3.21
N CYS H 55 -36.84 -24.96 -3.24
CA CYS H 55 -37.17 -23.92 -4.22
C CYS H 55 -36.86 -24.35 -5.64
N GLN H 56 -35.78 -25.13 -5.84
CA GLN H 56 -35.53 -25.69 -7.16
C GLN H 56 -36.62 -26.65 -7.57
N LYS H 57 -37.10 -27.47 -6.62
CA LYS H 57 -38.16 -28.42 -6.95
C LYS H 57 -39.45 -27.72 -7.31
N GLU H 58 -39.70 -26.53 -6.77
CA GLU H 58 -40.91 -25.78 -7.07
C GLU H 58 -40.68 -24.70 -8.12
N LYS H 59 -39.56 -24.77 -8.85
CA LYS H 59 -39.25 -23.85 -9.95
C LYS H 59 -39.34 -22.39 -9.51
N ARG H 60 -38.92 -22.13 -8.27
CA ARG H 60 -38.84 -20.78 -7.72
C ARG H 60 -37.40 -20.34 -7.65
N LYS H 61 -37.19 -19.03 -7.70
CA LYS H 61 -35.85 -18.48 -7.63
C LYS H 61 -35.60 -17.56 -6.44
N THR H 62 -36.66 -17.03 -5.84
CA THR H 62 -36.55 -16.19 -4.66
C THR H 62 -36.83 -17.06 -3.45
N ILE H 63 -35.97 -16.95 -2.43
CA ILE H 63 -36.05 -17.77 -1.23
C ILE H 63 -36.73 -16.95 -0.15
N ASN H 64 -37.85 -17.46 0.38
CA ASN H 64 -38.66 -16.74 1.34
C ASN H 64 -38.61 -17.42 2.71
N GLY H 65 -39.26 -16.77 3.68
CA GLY H 65 -39.25 -17.28 5.04
C GLY H 65 -39.96 -18.62 5.18
N ASP H 66 -41.10 -18.78 4.50
CA ASP H 66 -41.80 -20.06 4.54
C ASP H 66 -40.93 -21.18 3.99
N ASP H 67 -40.08 -20.88 3.01
CA ASP H 67 -39.11 -21.87 2.55
C ASP H 67 -38.15 -22.24 3.67
N LEU H 68 -37.64 -21.23 4.39
CA LEU H 68 -36.76 -21.51 5.51
C LEU H 68 -37.44 -22.36 6.56
N LEU H 69 -38.70 -22.08 6.87
CA LEU H 69 -39.37 -22.84 7.91
C LEU H 69 -39.68 -24.26 7.46
N TRP H 70 -40.06 -24.43 6.19
CA TRP H 70 -40.26 -25.79 5.68
C TRP H 70 -38.96 -26.57 5.68
N ALA H 71 -37.84 -25.91 5.33
CA ALA H 71 -36.53 -26.55 5.37
C ALA H 71 -36.17 -26.97 6.79
N MET H 72 -36.28 -26.04 7.74
CA MET H 72 -35.97 -26.34 9.13
C MET H 72 -36.87 -27.44 9.68
N THR H 73 -38.14 -27.41 9.30
CA THR H 73 -39.06 -28.46 9.72
C THR H 73 -38.64 -29.80 9.17
N THR H 74 -38.18 -29.81 7.92
CA THR H 74 -37.70 -31.04 7.31
C THR H 74 -36.43 -31.53 8.00
N LEU H 75 -35.63 -30.62 8.53
CA LEU H 75 -34.34 -30.93 9.12
C LEU H 75 -34.41 -31.19 10.64
N GLY H 76 -35.60 -31.20 11.23
CA GLY H 76 -35.74 -31.57 12.62
C GLY H 76 -35.79 -30.43 13.63
N PHE H 77 -35.72 -29.18 13.20
CA PHE H 77 -35.85 -28.06 14.14
C PHE H 77 -37.31 -27.68 14.33
N GLU H 78 -38.17 -28.68 14.60
CA GLU H 78 -39.60 -28.45 14.63
C GLU H 78 -39.98 -27.39 15.66
N ASP H 79 -39.52 -27.58 16.91
CA ASP H 79 -39.90 -26.68 17.99
C ASP H 79 -39.42 -25.25 17.75
N TYR H 80 -38.53 -25.06 16.77
CA TYR H 80 -38.10 -23.72 16.40
C TYR H 80 -39.22 -23.01 15.64
N VAL H 81 -40.05 -23.79 14.93
CA VAL H 81 -40.87 -23.25 13.84
C VAL H 81 -41.89 -22.23 14.36
N GLU H 82 -42.74 -22.63 15.31
CA GLU H 82 -43.92 -21.82 15.60
C GLU H 82 -43.57 -20.42 16.12
N PRO H 83 -42.64 -20.23 17.07
CA PRO H 83 -42.27 -18.85 17.40
C PRO H 83 -41.68 -18.12 16.21
N LEU H 84 -40.92 -18.83 15.37
CA LEU H 84 -40.45 -18.22 14.13
C LEU H 84 -41.60 -17.92 13.17
N LYS H 85 -42.64 -18.76 13.16
CA LYS H 85 -43.84 -18.44 12.38
C LYS H 85 -44.47 -17.13 12.85
N VAL H 86 -44.59 -16.96 14.17
CA VAL H 86 -45.14 -15.73 14.73
C VAL H 86 -44.26 -14.55 14.37
N TYR H 87 -42.95 -14.74 14.45
CA TYR H 87 -41.99 -13.70 14.11
C TYR H 87 -42.11 -13.32 12.64
N LEU H 88 -42.46 -14.29 11.78
CA LEU H 88 -42.56 -14.05 10.35
C LEU H 88 -43.65 -13.05 10.03
N GLN H 89 -44.76 -13.08 10.76
CA GLN H 89 -45.92 -12.24 10.44
C GLN H 89 -45.62 -10.80 10.86
N ARG H 90 -44.72 -10.17 10.11
CA ARG H 90 -44.43 -8.75 10.25
C ARG H 90 -45.24 -8.05 9.17
N PHE H 91 -46.16 -7.20 9.60
CA PHE H 91 -47.10 -6.45 8.76
C PHE H 91 -48.25 -7.34 8.32
N ASP I 6 8.48 19.10 8.28
CA ASP I 6 8.87 19.39 9.66
C ASP I 6 10.03 20.38 9.70
N ARG I 7 10.51 20.78 8.53
CA ARG I 7 11.69 21.64 8.43
C ARG I 7 11.34 23.12 8.55
N PHE I 8 10.08 23.47 8.69
CA PHE I 8 9.62 24.85 8.82
C PHE I 8 8.64 25.00 9.97
N LEU I 9 8.30 26.25 10.26
CA LEU I 9 7.32 26.55 11.29
C LEU I 9 5.92 26.13 10.86
N PRO I 10 5.04 25.85 11.83
CA PRO I 10 3.65 25.54 11.48
C PRO I 10 3.00 26.70 10.73
N ILE I 11 2.16 26.37 9.75
CA ILE I 11 1.64 27.37 8.84
C ILE I 11 0.46 28.15 9.44
N ALA I 12 -0.34 27.51 10.28
CA ALA I 12 -1.51 28.19 10.84
C ALA I 12 -1.11 29.42 11.64
N ASN I 13 -0.07 29.31 12.48
CA ASN I 13 0.35 30.45 13.29
C ASN I 13 0.93 31.57 12.43
N VAL I 14 1.78 31.21 11.46
CA VAL I 14 2.35 32.21 10.56
C VAL I 14 1.24 32.97 9.85
N SER I 15 0.30 32.24 9.26
CA SER I 15 -0.80 32.86 8.52
C SER I 15 -1.67 33.70 9.43
N ARG I 16 -1.91 33.23 10.66
CA ARG I 16 -2.71 33.98 11.60
C ARG I 16 -2.06 35.30 11.97
N ILE I 17 -0.73 35.29 12.16
CA ILE I 17 0.00 36.51 12.44
C ILE I 17 -0.03 37.46 11.24
N MET I 18 0.14 36.92 10.03
CA MET I 18 0.03 37.75 8.83
C MET I 18 -1.34 38.40 8.74
N LYS I 19 -2.39 37.64 9.07
CA LYS I 19 -3.74 38.20 9.07
C LYS I 19 -3.86 39.34 10.09
N LYS I 20 -3.28 39.13 11.29
CA LYS I 20 -3.34 40.17 12.31
C LYS I 20 -2.72 41.48 11.80
N ALA I 21 -1.79 41.39 10.85
CA ALA I 21 -1.15 42.55 10.26
C ALA I 21 -1.97 43.17 9.13
N LEU I 22 -3.04 42.52 8.67
CA LEU I 22 -3.75 42.90 7.47
C LEU I 22 -5.22 43.18 7.75
N PRO I 23 -5.89 43.95 6.88
CA PRO I 23 -7.31 44.23 7.08
C PRO I 23 -8.17 42.98 6.92
N ALA I 24 -9.42 43.10 7.39
CA ALA I 24 -10.32 41.95 7.40
C ALA I 24 -10.73 41.51 6.00
N ASN I 25 -10.83 42.44 5.05
CA ASN I 25 -11.19 42.09 3.68
C ASN I 25 -10.05 41.42 2.93
N ALA I 26 -8.84 41.46 3.46
CA ALA I 26 -7.67 40.97 2.75
C ALA I 26 -7.64 39.45 2.69
N LYS I 27 -6.88 38.94 1.71
CA LYS I 27 -6.69 37.52 1.48
C LYS I 27 -5.21 37.28 1.26
N ILE I 28 -4.76 36.06 1.55
CA ILE I 28 -3.34 35.70 1.50
C ILE I 28 -3.14 34.50 0.58
N SER I 29 -2.25 34.63 -0.39
CA SER I 29 -1.93 33.52 -1.27
C SER I 29 -1.22 32.40 -0.52
N LYS I 30 -1.46 31.17 -0.97
CA LYS I 30 -0.80 30.03 -0.34
C LYS I 30 0.69 30.01 -0.66
N ASP I 31 1.04 30.27 -1.92
CA ASP I 31 2.45 30.40 -2.28
C ASP I 31 3.11 31.52 -1.50
N ALA I 32 2.37 32.60 -1.26
CA ALA I 32 2.88 33.68 -0.43
C ALA I 32 3.13 33.19 0.99
N LYS I 33 2.25 32.33 1.51
CA LYS I 33 2.45 31.76 2.83
C LYS I 33 3.72 30.90 2.87
N GLU I 34 3.93 30.07 1.85
CA GLU I 34 5.15 29.25 1.82
C GLU I 34 6.40 30.11 1.77
N THR I 35 6.40 31.15 0.93
CA THR I 35 7.55 32.05 0.87
C THR I 35 7.78 32.72 2.23
N MET I 36 6.69 33.10 2.91
CA MET I 36 6.82 33.72 4.22
C MET I 36 7.42 32.76 5.23
N GLN I 37 6.95 31.50 5.24
CA GLN I 37 7.48 30.52 6.18
C GLN I 37 8.98 30.29 5.94
N GLU I 38 9.39 30.22 4.67
CA GLU I 38 10.82 30.07 4.39
C GLU I 38 11.59 31.29 4.89
N CYS I 39 11.03 32.49 4.68
CA CYS I 39 11.71 33.71 5.10
C CYS I 39 11.90 33.77 6.62
N VAL I 40 10.86 33.39 7.37
CA VAL I 40 10.97 33.50 8.83
C VAL I 40 11.91 32.43 9.38
N SER I 41 11.86 31.21 8.81
CA SER I 41 12.80 30.18 9.26
C SER I 41 14.23 30.59 8.97
N GLU I 42 14.46 31.26 7.83
CA GLU I 42 15.81 31.71 7.50
C GLU I 42 16.25 32.85 8.40
N PHE I 43 15.34 33.74 8.80
CA PHE I 43 15.71 34.78 9.76
C PHE I 43 16.06 34.18 11.11
N ILE I 44 15.30 33.17 11.53
CA ILE I 44 15.59 32.47 12.79
C ILE I 44 16.99 31.90 12.74
N SER I 45 17.31 31.16 11.67
CA SER I 45 18.63 30.53 11.58
C SER I 45 19.73 31.58 11.45
N PHE I 46 19.46 32.71 10.79
CA PHE I 46 20.43 33.80 10.71
C PHE I 46 20.82 34.29 12.10
N VAL I 47 19.82 34.70 12.88
CA VAL I 47 20.11 35.24 14.21
C VAL I 47 20.72 34.17 15.11
N THR I 48 20.28 32.92 14.96
CA THR I 48 20.82 31.86 15.79
C THR I 48 22.29 31.60 15.48
N GLY I 49 22.64 31.55 14.19
CA GLY I 49 24.02 31.38 13.81
C GLY I 49 24.90 32.51 14.31
N GLU I 50 24.42 33.75 14.20
CA GLU I 50 25.23 34.87 14.66
C GLU I 50 25.41 34.86 16.17
N ALA I 51 24.33 34.57 16.92
CA ALA I 51 24.44 34.50 18.37
C ALA I 51 25.37 33.37 18.81
N SER I 52 25.28 32.21 18.15
CA SER I 52 26.15 31.11 18.51
C SER I 52 27.61 31.40 18.18
N ASP I 53 27.85 32.10 17.07
CA ASP I 53 29.21 32.52 16.75
C ASP I 53 29.74 33.49 17.81
N LYS I 54 28.91 34.42 18.26
CA LYS I 54 29.33 35.32 19.32
C LYS I 54 29.65 34.54 20.60
N CYS I 55 28.83 33.54 20.91
CA CYS I 55 29.08 32.73 22.10
C CYS I 55 30.37 31.93 21.96
N GLN I 56 30.71 31.51 20.73
CA GLN I 56 32.02 30.93 20.48
C GLN I 56 33.11 31.94 20.78
N LYS I 57 32.90 33.19 20.38
CA LYS I 57 33.89 34.24 20.61
C LYS I 57 34.06 34.52 22.10
N GLU I 58 33.00 34.34 22.89
CA GLU I 58 33.02 34.62 24.31
C GLU I 58 33.17 33.36 25.17
N LYS I 59 33.60 32.25 24.59
CA LYS I 59 33.87 31.02 25.34
C LYS I 59 32.63 30.57 26.12
N ARG I 60 31.45 30.77 25.54
CA ARG I 60 30.20 30.32 26.13
C ARG I 60 29.61 29.13 25.37
N LYS I 61 28.81 28.34 26.07
CA LYS I 61 28.23 27.17 25.46
C LYS I 61 26.71 27.20 25.45
N THR I 62 26.10 27.97 26.33
CA THR I 62 24.66 28.16 26.41
C THR I 62 24.27 29.49 25.78
N ILE I 63 23.23 29.46 24.97
CA ILE I 63 22.76 30.64 24.24
C ILE I 63 21.60 31.23 25.01
N ASN I 64 21.73 32.48 25.42
CA ASN I 64 20.74 33.16 26.26
C ASN I 64 20.04 34.26 25.48
N GLY I 65 19.05 34.88 26.12
CA GLY I 65 18.28 35.93 25.46
C GLY I 65 19.11 37.15 25.12
N ASP I 66 19.99 37.55 26.04
CA ASP I 66 20.87 38.70 25.77
C ASP I 66 21.75 38.44 24.56
N ASP I 67 22.15 37.19 24.32
CA ASP I 67 22.89 36.87 23.10
C ASP I 67 22.06 37.17 21.86
N LEU I 68 20.79 36.74 21.86
CA LEU I 68 19.91 37.04 20.75
C LEU I 68 19.73 38.54 20.56
N LEU I 69 19.62 39.27 21.66
CA LEU I 69 19.42 40.71 21.57
C LEU I 69 20.67 41.40 21.06
N TRP I 70 21.84 40.94 21.49
CA TRP I 70 23.08 41.47 20.94
C TRP I 70 23.18 41.16 19.46
N ALA I 71 22.71 39.98 19.04
CA ALA I 71 22.69 39.63 17.63
C ALA I 71 21.79 40.58 16.84
N MET I 72 20.55 40.75 17.28
CA MET I 72 19.67 41.66 16.55
C MET I 72 20.22 43.08 16.57
N THR I 73 20.85 43.48 17.68
CA THR I 73 21.47 44.79 17.78
C THR I 73 22.62 44.96 16.81
N THR I 74 23.52 43.97 16.73
CA THR I 74 24.59 44.10 15.74
C THR I 74 24.00 44.01 14.35
N LEU I 75 22.83 43.39 14.26
CA LEU I 75 22.15 43.22 13.00
C LEU I 75 21.76 44.56 12.39
N GLY I 76 21.35 45.50 13.22
CA GLY I 76 20.65 46.67 12.70
C GLY I 76 19.16 46.71 12.94
N PHE I 77 18.60 45.74 13.65
CA PHE I 77 17.16 45.78 13.87
C PHE I 77 16.90 46.72 15.02
N GLU I 78 17.42 47.94 14.91
CA GLU I 78 17.40 48.90 16.02
C GLU I 78 16.00 49.07 16.56
N ASP I 79 15.03 49.23 15.65
CA ASP I 79 13.65 49.42 16.05
C ASP I 79 13.11 48.21 16.83
N TYR I 80 13.78 47.06 16.73
CA TYR I 80 13.35 45.85 17.43
C TYR I 80 13.83 45.75 18.88
N VAL I 81 15.03 46.26 19.20
CA VAL I 81 15.74 45.82 20.40
C VAL I 81 14.95 46.12 21.67
N GLU I 82 14.51 47.36 21.84
CA GLU I 82 13.96 47.79 23.13
C GLU I 82 12.71 47.02 23.55
N PRO I 83 11.69 46.83 22.70
CA PRO I 83 10.53 46.04 23.15
C PRO I 83 10.85 44.60 23.51
N LEU I 84 11.78 43.94 22.82
CA LEU I 84 12.18 42.61 23.24
C LEU I 84 12.88 42.64 24.60
N LYS I 85 13.66 43.68 24.87
CA LYS I 85 14.21 43.84 26.22
C LYS I 85 13.09 43.93 27.25
N VAL I 86 12.05 44.72 26.94
CA VAL I 86 10.91 44.82 27.84
C VAL I 86 10.26 43.45 28.02
N TYR I 87 10.17 42.68 26.93
CA TYR I 87 9.63 41.33 27.01
C TYR I 87 10.48 40.46 27.93
N LEU I 88 11.80 40.69 27.91
CA LEU I 88 12.69 39.99 28.83
C LEU I 88 12.40 40.37 30.28
N GLN I 89 11.94 41.61 30.51
CA GLN I 89 11.75 42.11 31.86
C GLN I 89 10.60 41.45 32.63
N ARG I 90 9.85 40.51 32.06
CA ARG I 90 8.77 39.85 32.80
C ARG I 90 9.18 38.48 33.31
N PHE I 91 9.20 38.33 34.63
CA PHE I 91 9.47 37.05 35.29
C PHE I 91 8.48 36.84 36.43
N ASP J 6 7.86 3.63 -16.48
CA ASP J 6 6.87 3.70 -17.55
C ASP J 6 6.61 5.14 -17.97
N ARG J 7 6.72 6.05 -17.00
CA ARG J 7 6.48 7.48 -17.21
C ARG J 7 7.77 8.22 -17.55
N PHE J 8 8.89 7.52 -17.60
CA PHE J 8 10.17 8.15 -17.85
C PHE J 8 10.85 7.39 -18.97
N LEU J 9 11.91 8.00 -19.51
CA LEU J 9 12.71 7.28 -20.48
C LEU J 9 13.53 6.23 -19.74
N PRO J 10 13.91 5.16 -20.43
CA PRO J 10 14.75 4.15 -19.75
C PRO J 10 16.05 4.77 -19.27
N ILE J 11 16.50 4.33 -18.10
CA ILE J 11 17.60 5.02 -17.43
C ILE J 11 18.95 4.63 -18.02
N ALA J 12 19.09 3.38 -18.49
CA ALA J 12 20.36 2.93 -19.03
C ALA J 12 20.78 3.76 -20.24
N ASN J 13 19.85 4.06 -21.15
CA ASN J 13 20.21 4.81 -22.35
C ASN J 13 20.61 6.24 -21.99
N VAL J 14 19.83 6.89 -21.11
CA VAL J 14 20.18 8.23 -20.67
C VAL J 14 21.57 8.25 -20.06
N SER J 15 21.84 7.30 -19.16
CA SER J 15 23.13 7.28 -18.49
C SER J 15 24.28 7.01 -19.47
N ARG J 16 24.07 6.11 -20.45
CA ARG J 16 25.12 5.87 -21.44
C ARG J 16 25.37 7.12 -22.28
N ILE J 17 24.31 7.87 -22.60
CA ILE J 17 24.49 9.11 -23.34
C ILE J 17 25.33 10.09 -22.51
N MET J 18 25.02 10.21 -21.22
CA MET J 18 25.81 11.07 -20.36
C MET J 18 27.27 10.64 -20.31
N LYS J 19 27.53 9.34 -20.21
CA LYS J 19 28.90 8.84 -20.17
C LYS J 19 29.66 9.12 -21.46
N LYS J 20 28.99 8.98 -22.61
CA LYS J 20 29.65 9.15 -23.90
C LYS J 20 30.39 10.47 -24.06
N ALA J 21 30.00 11.52 -23.33
CA ALA J 21 30.69 12.79 -23.51
C ALA J 21 31.99 12.91 -22.71
N LEU J 22 32.25 12.00 -21.78
CA LEU J 22 33.39 12.09 -20.88
C LEU J 22 34.22 10.81 -20.94
N PRO J 23 35.48 10.87 -20.54
CA PRO J 23 36.32 9.66 -20.51
C PRO J 23 35.80 8.65 -19.50
N ALA J 24 36.37 7.45 -19.57
CA ALA J 24 35.90 6.34 -18.74
C ALA J 24 36.06 6.63 -17.25
N ASN J 25 37.00 7.50 -16.89
CA ASN J 25 37.25 7.80 -15.48
C ASN J 25 36.12 8.60 -14.83
N ALA J 26 35.20 9.18 -15.61
CA ALA J 26 34.16 10.01 -15.03
C ALA J 26 33.11 9.13 -14.34
N LYS J 27 32.39 9.72 -13.37
CA LYS J 27 31.38 8.97 -12.63
C LYS J 27 30.12 9.81 -12.48
N ILE J 28 28.98 9.13 -12.36
CA ILE J 28 27.66 9.76 -12.26
C ILE J 28 26.90 9.19 -11.08
N SER J 29 26.41 10.07 -10.21
CA SER J 29 25.58 9.60 -9.09
C SER J 29 24.26 9.05 -9.59
N LYS J 30 23.69 8.09 -8.84
CA LYS J 30 22.42 7.49 -9.25
C LYS J 30 21.27 8.48 -9.12
N ASP J 31 21.22 9.24 -8.02
CA ASP J 31 20.21 10.28 -7.88
C ASP J 31 20.30 11.30 -9.01
N ALA J 32 21.53 11.61 -9.43
CA ALA J 32 21.72 12.49 -10.56
C ALA J 32 21.13 11.89 -11.83
N LYS J 33 21.30 10.57 -12.01
CA LYS J 33 20.73 9.88 -13.17
C LYS J 33 19.21 9.95 -13.16
N GLU J 34 18.59 9.70 -12.00
CA GLU J 34 17.14 9.75 -11.90
C GLU J 34 16.63 11.16 -12.22
N THR J 35 17.27 12.17 -11.62
CA THR J 35 16.88 13.56 -11.87
C THR J 35 17.06 13.94 -13.34
N MET J 36 18.14 13.46 -13.96
CA MET J 36 18.41 13.78 -15.36
C MET J 36 17.36 13.17 -16.29
N GLN J 37 17.01 11.90 -16.06
CA GLN J 37 15.99 11.30 -16.91
C GLN J 37 14.66 12.02 -16.72
N GLU J 38 14.34 12.44 -15.49
CA GLU J 38 13.17 13.28 -15.29
C GLU J 38 13.29 14.57 -16.09
N CYS J 39 14.48 15.16 -16.11
CA CYS J 39 14.69 16.42 -16.82
C CYS J 39 14.39 16.27 -18.30
N VAL J 40 14.86 15.18 -18.91
CA VAL J 40 14.63 15.02 -20.35
C VAL J 40 13.17 14.70 -20.63
N SER J 41 12.53 13.88 -19.77
CA SER J 41 11.11 13.60 -19.99
C SER J 41 10.28 14.87 -19.86
N GLU J 42 10.63 15.73 -18.90
CA GLU J 42 9.88 16.96 -18.73
C GLU J 42 10.18 17.94 -19.84
N PHE J 43 11.39 17.96 -20.36
CA PHE J 43 11.69 18.77 -21.53
C PHE J 43 10.90 18.30 -22.75
N ILE J 44 10.76 16.98 -22.91
CA ILE J 44 9.94 16.43 -23.98
C ILE J 44 8.50 16.92 -23.86
N SER J 45 7.91 16.76 -22.68
CA SER J 45 6.52 17.17 -22.51
C SER J 45 6.37 18.69 -22.61
N PHE J 46 7.39 19.43 -22.17
CA PHE J 46 7.45 20.87 -22.32
C PHE J 46 7.31 21.27 -23.78
N VAL J 47 8.18 20.73 -24.63
CA VAL J 47 8.15 21.07 -26.05
C VAL J 47 6.86 20.57 -26.69
N THR J 48 6.39 19.39 -26.26
CA THR J 48 5.23 18.76 -26.87
C THR J 48 3.94 19.54 -26.62
N GLY J 49 3.73 20.03 -25.39
CA GLY J 49 2.51 20.79 -25.13
C GLY J 49 2.43 22.06 -25.96
N GLU J 50 3.54 22.79 -26.06
CA GLU J 50 3.54 24.02 -26.85
C GLU J 50 3.40 23.74 -28.33
N ALA J 51 4.10 22.72 -28.83
CA ALA J 51 3.97 22.36 -30.25
C ALA J 51 2.56 21.90 -30.58
N SER J 52 1.93 21.14 -29.67
CA SER J 52 0.57 20.70 -29.90
C SER J 52 -0.40 21.85 -29.89
N ASP J 53 -0.21 22.83 -29.00
CA ASP J 53 -1.06 24.02 -29.05
C ASP J 53 -0.87 24.80 -30.36
N LYS J 54 0.37 24.94 -30.80
CA LYS J 54 0.61 25.65 -32.06
C LYS J 54 -0.03 24.94 -33.24
N CYS J 55 0.11 23.61 -33.30
CA CYS J 55 -0.47 22.86 -34.41
C CYS J 55 -2.00 22.81 -34.34
N GLN J 56 -2.55 22.74 -33.14
CA GLN J 56 -3.99 22.79 -32.94
C GLN J 56 -4.57 24.14 -33.34
N LYS J 57 -3.86 25.23 -33.06
CA LYS J 57 -4.38 26.56 -33.37
C LYS J 57 -4.61 26.75 -34.87
N GLU J 58 -3.86 26.03 -35.70
CA GLU J 58 -4.03 26.09 -37.15
C GLU J 58 -4.90 24.97 -37.67
N LYS J 59 -5.69 24.34 -36.80
CA LYS J 59 -6.60 23.25 -37.18
C LYS J 59 -5.85 22.12 -37.87
N ARG J 60 -4.66 21.81 -37.37
CA ARG J 60 -3.89 20.67 -37.83
C ARG J 60 -3.99 19.57 -36.79
N LYS J 61 -3.88 18.33 -37.24
CA LYS J 61 -3.98 17.20 -36.33
C LYS J 61 -2.73 16.35 -36.24
N THR J 62 -1.90 16.32 -37.29
CA THR J 62 -0.64 15.58 -37.27
C THR J 62 0.51 16.53 -37.02
N ILE J 63 1.40 16.17 -36.10
CA ILE J 63 2.53 16.99 -35.70
C ILE J 63 3.77 16.47 -36.39
N ASN J 64 4.46 17.32 -37.14
CA ASN J 64 5.58 16.92 -37.97
C ASN J 64 6.89 17.46 -37.41
N GLY J 65 7.99 17.07 -38.06
CA GLY J 65 9.31 17.46 -37.58
C GLY J 65 9.56 18.95 -37.65
N ASP J 66 9.16 19.60 -38.75
CA ASP J 66 9.34 21.04 -38.86
C ASP J 66 8.59 21.78 -37.77
N ASP J 67 7.44 21.25 -37.33
CA ASP J 67 6.75 21.81 -36.18
C ASP J 67 7.64 21.78 -34.96
N LEU J 68 8.28 20.63 -34.72
CA LEU J 68 9.21 20.51 -33.60
C LEU J 68 10.34 21.51 -33.71
N LEU J 69 10.92 21.68 -34.91
CA LEU J 69 12.10 22.53 -35.01
C LEU J 69 11.74 24.01 -34.84
N TRP J 70 10.64 24.45 -35.42
CA TRP J 70 10.22 25.84 -35.22
C TRP J 70 9.81 26.06 -33.77
N ALA J 71 9.18 25.05 -33.15
CA ALA J 71 8.87 25.14 -31.72
C ALA J 71 10.16 25.32 -30.92
N MET J 72 11.19 24.51 -31.22
CA MET J 72 12.46 24.63 -30.52
C MET J 72 13.04 26.02 -30.67
N THR J 73 12.87 26.62 -31.86
CA THR J 73 13.35 27.98 -32.07
C THR J 73 12.61 28.94 -31.14
N THR J 74 11.31 28.72 -30.97
CA THR J 74 10.53 29.51 -30.01
C THR J 74 10.95 29.24 -28.57
N LEU J 75 11.49 28.04 -28.29
CA LEU J 75 11.80 27.61 -26.93
C LEU J 75 13.21 27.97 -26.48
N GLY J 76 13.98 28.65 -27.33
CA GLY J 76 15.30 29.13 -26.95
C GLY J 76 16.40 28.15 -27.25
N PHE J 77 16.06 26.98 -27.80
CA PHE J 77 17.00 25.96 -28.21
C PHE J 77 17.47 26.26 -29.62
N GLU J 78 17.92 27.49 -29.84
CA GLU J 78 18.25 28.00 -31.17
C GLU J 78 19.34 27.18 -31.87
N ASP J 79 20.45 26.94 -31.19
CA ASP J 79 21.59 26.29 -31.82
C ASP J 79 21.28 24.88 -32.34
N TYR J 80 20.15 24.32 -31.90
CA TYR J 80 19.81 22.96 -32.30
C TYR J 80 19.24 22.86 -33.71
N VAL J 81 18.50 23.86 -34.17
CA VAL J 81 17.55 23.64 -35.27
C VAL J 81 18.27 23.19 -36.54
N GLU J 82 19.30 23.92 -36.96
CA GLU J 82 19.86 23.68 -38.28
C GLU J 82 20.47 22.30 -38.44
N PRO J 83 21.30 21.79 -37.51
CA PRO J 83 21.76 20.39 -37.67
C PRO J 83 20.63 19.37 -37.56
N LEU J 84 19.65 19.62 -36.68
CA LEU J 84 18.47 18.76 -36.68
C LEU J 84 17.68 18.92 -37.97
N LYS J 85 17.69 20.11 -38.56
CA LYS J 85 17.14 20.28 -39.90
C LYS J 85 17.86 19.39 -40.89
N VAL J 86 19.19 19.33 -40.80
CA VAL J 86 19.99 18.51 -41.71
C VAL J 86 19.59 17.04 -41.57
N TYR J 87 19.44 16.56 -40.33
CA TYR J 87 18.99 15.18 -40.17
C TYR J 87 17.57 15.00 -40.69
N LEU J 88 16.73 16.03 -40.54
CA LEU J 88 15.37 15.94 -41.08
C LEU J 88 15.35 15.86 -42.59
N GLN J 89 16.31 16.48 -43.28
CA GLN J 89 16.28 16.44 -44.74
C GLN J 89 16.58 15.05 -45.29
N ARG J 90 16.69 14.07 -44.39
CA ARG J 90 16.89 12.67 -44.76
C ARG J 90 15.54 11.96 -44.68
N PHE J 91 15.04 11.51 -45.81
CA PHE J 91 13.77 10.80 -45.87
C PHE J 91 13.91 9.50 -46.66
#